data_2CSU
#
_entry.id   2CSU
#
_cell.length_a   143.459
_cell.length_b   70.589
_cell.length_c   88.514
_cell.angle_alpha   90.00
_cell.angle_beta   90.66
_cell.angle_gamma   90.00
#
_symmetry.space_group_name_H-M   'C 1 2 1'
#
loop_
_entity.id
_entity.type
_entity.pdbx_description
1 polymer '457aa long hypothetical protein'
2 water water
#
_entity_poly.entity_id   1
_entity_poly.type   'polypeptide(L)'
_entity_poly.pdbx_seq_one_letter_code
;(MSE)LDYFFNPKGIAVIGASNDPKKLGYEVFKNLKEYKKGKVYPVNIKEEEVQGVKAYKSVKDIPDEIDLAIIVVPKRF
VKDTLIQCGEKGVKGVVIITAGFGETGEEGKREEKELVEIAHKYG(MSE)RIIGPNCVGI(MSE)NTHVDLNATFITVAK
KGNVAFISQSGALGAGIVYKTIKEDIGFSKFISVGN(MSE)ADVDFAEL(MSE)EYLADTEEDKAIALYIEGVRNGKKF
(MSE)EVAKRVTKKKPIIALKAGKSESGARAASSHTGSLAGSWKIYEAAFKQSGVLVANTIDE(MSE)LS(MSE)ARAFS
QPLPRGNKVAI(MSE)TNAGGPGVLTADELDKRGLKLATLEEKTIEELRSFLPP(MSE)AAVKNPVD(MSE)IASARGED
YYRTAKLLLQDPNVD(MSE)LIAICVVPTFAG(MSE)TLTEHAEGIIRAVKEVNNEKPVLA(MSE)F(MSE)AGYVSEKA
KELLEKNGIPTYERPEDVASAAYALVEQAKNVGILEVE
;
_entity_poly.pdbx_strand_id   A,B
#
# COMPACT_ATOMS: atom_id res chain seq x y z
N LEU A 2 27.69 -17.76 13.56
CA LEU A 2 26.57 -17.24 12.77
C LEU A 2 26.88 -15.85 12.22
N ASP A 3 28.11 -15.38 12.52
CA ASP A 3 28.51 -14.08 12.00
C ASP A 3 29.15 -14.18 10.62
N TYR A 4 29.89 -15.30 10.47
CA TYR A 4 30.52 -15.56 9.18
C TYR A 4 29.49 -15.67 8.06
N PHE A 5 28.21 -15.68 8.47
CA PHE A 5 27.14 -15.75 7.48
C PHE A 5 26.89 -14.39 6.82
N PHE A 6 26.91 -13.37 7.71
CA PHE A 6 26.56 -12.02 7.27
C PHE A 6 27.81 -11.13 7.11
N ASN A 7 28.97 -11.56 7.57
CA ASN A 7 30.19 -10.80 7.41
C ASN A 7 31.33 -11.75 7.05
N PRO A 8 31.16 -12.50 5.95
CA PRO A 8 32.17 -13.47 5.48
C PRO A 8 33.42 -12.82 4.88
N LYS A 9 34.57 -13.46 5.10
CA LYS A 9 35.84 -12.97 4.61
C LYS A 9 36.21 -13.65 3.29
N GLY A 10 35.56 -14.78 3.01
CA GLY A 10 35.80 -15.52 1.79
C GLY A 10 34.57 -16.30 1.43
N ILE A 11 34.02 -16.02 0.25
CA ILE A 11 32.81 -16.71 -0.19
C ILE A 11 33.04 -17.59 -1.41
N ALA A 12 32.54 -18.81 -1.33
CA ALA A 12 32.64 -19.75 -2.44
C ALA A 12 31.24 -19.92 -2.99
N VAL A 13 31.06 -19.62 -4.27
CA VAL A 13 29.74 -19.81 -4.87
C VAL A 13 29.89 -21.05 -5.73
N ILE A 14 29.38 -22.17 -5.23
CA ILE A 14 29.49 -23.42 -5.95
C ILE A 14 28.31 -23.57 -6.88
N GLY A 15 28.57 -23.44 -8.17
CA GLY A 15 27.51 -23.52 -9.15
C GLY A 15 27.41 -22.19 -9.87
N ALA A 16 28.36 -21.29 -9.59
CA ALA A 16 28.38 -20.00 -10.28
C ALA A 16 28.31 -20.35 -11.76
N SER A 17 27.52 -19.61 -12.51
CA SER A 17 27.36 -19.91 -13.94
C SER A 17 27.40 -18.69 -14.86
N ASN A 18 27.65 -18.94 -16.14
CA ASN A 18 27.68 -17.88 -17.15
C ASN A 18 26.33 -17.88 -17.87
N ASP A 19 25.52 -18.90 -17.59
CA ASP A 19 24.19 -19.04 -18.19
C ASP A 19 23.19 -18.23 -17.35
N PRO A 20 22.63 -17.15 -17.93
CA PRO A 20 21.66 -16.28 -17.25
C PRO A 20 20.38 -16.95 -16.78
N LYS A 21 20.08 -18.12 -17.34
CA LYS A 21 18.88 -18.86 -16.97
C LYS A 21 19.03 -19.68 -15.68
N LYS A 22 20.25 -19.80 -15.19
CA LYS A 22 20.52 -20.56 -13.97
C LYS A 22 20.68 -19.70 -12.73
N LEU A 23 20.17 -20.20 -11.61
CA LEU A 23 20.21 -19.47 -10.34
C LEU A 23 21.64 -19.13 -9.93
N GLY A 24 22.57 -20.04 -10.20
CA GLY A 24 23.96 -19.81 -9.87
C GLY A 24 24.51 -18.56 -10.53
N TYR A 25 23.93 -18.20 -11.67
CA TYR A 25 24.35 -17.01 -12.43
C TYR A 25 24.01 -15.75 -11.65
N GLU A 26 22.77 -15.67 -11.15
CA GLU A 26 22.31 -14.51 -10.38
C GLU A 26 23.03 -14.36 -9.05
N VAL A 27 23.35 -15.48 -8.41
CA VAL A 27 24.02 -15.43 -7.14
C VAL A 27 25.41 -14.83 -7.27
N PHE A 28 26.18 -15.31 -8.25
CA PHE A 28 27.52 -14.74 -8.39
C PHE A 28 27.43 -13.28 -8.84
N LYS A 29 26.47 -13.03 -9.75
CA LYS A 29 26.26 -11.67 -10.22
C LYS A 29 26.02 -10.71 -9.05
N ASN A 30 25.11 -11.13 -8.16
CA ASN A 30 24.81 -10.30 -7.01
C ASN A 30 26.01 -10.15 -6.09
N LEU A 31 26.83 -11.19 -5.94
CA LEU A 31 27.97 -11.11 -5.02
C LEU A 31 29.14 -10.31 -5.58
N LYS A 32 29.02 -9.85 -6.83
CA LYS A 32 30.11 -9.05 -7.36
C LYS A 32 30.18 -7.68 -6.68
N GLU A 33 29.07 -7.34 -6.01
CA GLU A 33 29.00 -6.06 -5.30
C GLU A 33 29.58 -6.17 -3.89
N TYR A 34 29.97 -7.40 -3.51
CA TYR A 34 30.51 -7.61 -2.17
C TYR A 34 32.04 -7.52 -2.16
N LYS A 35 32.55 -6.42 -1.58
CA LYS A 35 33.99 -6.18 -1.60
C LYS A 35 34.62 -6.18 -0.20
N LYS A 36 33.77 -6.33 0.83
CA LYS A 36 34.33 -6.44 2.17
C LYS A 36 34.93 -7.83 2.39
N GLY A 37 34.93 -8.62 1.31
CA GLY A 37 35.50 -9.96 1.34
C GLY A 37 35.58 -10.53 -0.08
N LYS A 38 36.45 -11.53 -0.25
CA LYS A 38 36.64 -12.09 -1.59
C LYS A 38 35.58 -13.14 -1.94
N VAL A 39 35.15 -13.12 -3.20
CA VAL A 39 34.15 -14.04 -3.71
C VAL A 39 34.77 -14.83 -4.86
N TYR A 40 34.74 -16.16 -4.75
CA TYR A 40 35.32 -17.04 -5.77
C TYR A 40 34.26 -17.89 -6.46
N PRO A 41 34.25 -17.91 -7.80
CA PRO A 41 33.26 -18.71 -8.52
C PRO A 41 33.76 -20.14 -8.69
N VAL A 42 32.97 -21.11 -8.24
CA VAL A 42 33.35 -22.51 -8.35
C VAL A 42 32.44 -23.22 -9.33
N ASN A 43 32.99 -23.64 -10.45
CA ASN A 43 32.24 -24.33 -11.50
C ASN A 43 33.07 -25.45 -12.14
N ILE A 44 32.39 -26.59 -12.38
CA ILE A 44 33.13 -27.79 -12.76
C ILE A 44 33.78 -27.72 -14.14
N LYS A 45 33.13 -27.01 -15.07
CA LYS A 45 33.67 -26.94 -16.42
C LYS A 45 33.99 -25.50 -16.84
N GLU A 46 34.07 -24.57 -15.91
CA GLU A 46 34.39 -23.20 -16.27
C GLU A 46 35.78 -22.77 -15.81
N GLU A 47 36.46 -22.00 -16.65
CA GLU A 47 37.79 -21.49 -16.32
C GLU A 47 37.54 -20.14 -15.67
N GLU A 48 36.50 -19.49 -16.15
CA GLU A 48 36.12 -18.18 -15.66
C GLU A 48 34.61 -18.05 -15.68
N VAL A 49 34.08 -17.24 -14.78
CA VAL A 49 32.66 -17.02 -14.70
C VAL A 49 32.43 -15.54 -14.57
N GLN A 50 31.66 -15.01 -15.51
CA GLN A 50 31.35 -13.59 -15.51
C GLN A 50 32.63 -12.75 -15.39
N GLY A 51 33.68 -13.22 -16.06
CA GLY A 51 34.94 -12.51 -16.07
C GLY A 51 35.89 -12.77 -14.91
N VAL A 52 35.46 -13.61 -13.97
CA VAL A 52 36.29 -13.93 -12.82
C VAL A 52 36.83 -15.36 -12.86
N LYS A 53 38.11 -15.48 -12.52
CA LYS A 53 38.81 -16.77 -12.46
C LYS A 53 38.00 -17.72 -11.61
N ALA A 54 37.67 -18.88 -12.16
CA ALA A 54 36.89 -19.86 -11.43
C ALA A 54 37.69 -21.11 -11.10
N TYR A 55 37.22 -21.84 -10.11
CA TYR A 55 37.88 -23.07 -9.67
C TYR A 55 36.97 -24.27 -9.85
N LYS A 56 37.56 -25.40 -10.22
CA LYS A 56 36.83 -26.64 -10.44
C LYS A 56 36.21 -27.16 -9.16
N SER A 57 36.91 -26.91 -8.04
CA SER A 57 36.40 -27.33 -6.74
C SER A 57 36.75 -26.30 -5.66
N VAL A 58 35.89 -26.25 -4.62
CA VAL A 58 36.13 -25.31 -3.54
C VAL A 58 37.43 -25.62 -2.79
N LYS A 59 37.99 -26.81 -3.09
CA LYS A 59 39.22 -27.21 -2.42
C LYS A 59 40.44 -26.49 -3.01
N ASP A 60 40.30 -26.06 -4.28
CA ASP A 60 41.45 -25.50 -4.97
C ASP A 60 41.67 -24.02 -4.66
N ILE A 61 40.67 -23.40 -4.01
CA ILE A 61 40.81 -21.99 -3.63
C ILE A 61 41.94 -21.78 -2.61
N PRO A 62 42.98 -21.04 -3.04
CA PRO A 62 44.15 -20.74 -2.20
C PRO A 62 43.80 -20.05 -0.88
N ASP A 63 42.91 -19.04 -0.96
CA ASP A 63 42.54 -18.29 0.24
C ASP A 63 41.58 -19.09 1.15
N GLU A 64 41.29 -18.53 2.34
CA GLU A 64 40.38 -19.22 3.25
C GLU A 64 38.92 -18.93 2.92
N ILE A 65 38.09 -19.98 2.99
CA ILE A 65 36.66 -19.81 2.77
C ILE A 65 35.88 -20.09 4.07
N ASP A 66 35.06 -19.11 4.48
CA ASP A 66 34.21 -19.34 5.65
C ASP A 66 32.72 -19.38 5.30
N LEU A 67 32.42 -19.07 4.03
CA LEU A 67 31.03 -19.17 3.57
C LEU A 67 30.95 -19.68 2.13
N ALA A 68 30.04 -20.62 1.92
CA ALA A 68 29.82 -21.15 0.58
C ALA A 68 28.34 -21.20 0.27
N ILE A 69 28.01 -20.93 -0.98
CA ILE A 69 26.63 -20.98 -1.42
C ILE A 69 26.55 -22.15 -2.39
N ILE A 70 25.72 -23.14 -2.07
CA ILE A 70 25.58 -24.27 -2.94
C ILE A 70 24.36 -24.09 -3.80
N VAL A 71 24.60 -23.89 -5.10
CA VAL A 71 23.54 -23.68 -6.06
C VAL A 71 23.74 -24.57 -7.28
N VAL A 72 24.12 -25.83 -7.00
CA VAL A 72 24.20 -26.82 -8.04
C VAL A 72 23.00 -27.77 -7.99
N PRO A 73 22.86 -28.57 -9.06
CA PRO A 73 21.82 -29.59 -9.12
C PRO A 73 21.85 -30.56 -7.92
N LYS A 74 20.65 -31.05 -7.57
CA LYS A 74 20.48 -31.84 -6.36
C LYS A 74 21.54 -32.94 -6.19
N ARG A 75 21.76 -33.72 -7.28
CA ARG A 75 22.59 -34.91 -7.09
C ARG A 75 24.04 -34.57 -6.70
N PHE A 76 24.44 -33.31 -6.81
CA PHE A 76 25.81 -32.93 -6.42
C PHE A 76 25.93 -32.28 -5.04
N VAL A 77 24.82 -31.89 -4.44
CA VAL A 77 24.85 -31.21 -3.15
C VAL A 77 25.60 -31.93 -2.02
N LYS A 78 25.45 -33.24 -1.92
CA LYS A 78 26.14 -34.07 -0.94
C LYS A 78 27.66 -33.89 -1.01
N ASP A 79 28.17 -34.29 -2.14
CA ASP A 79 29.61 -34.24 -2.35
C ASP A 79 30.16 -32.81 -2.27
N THR A 80 29.37 -31.82 -2.68
CA THR A 80 29.83 -30.44 -2.60
C THR A 80 29.89 -30.05 -1.14
N LEU A 81 28.91 -30.49 -0.36
CA LEU A 81 28.89 -30.19 1.06
C LEU A 81 30.11 -30.78 1.74
N ILE A 82 30.45 -32.03 1.41
CA ILE A 82 31.62 -32.70 1.99
C ILE A 82 32.89 -31.94 1.60
N GLN A 83 32.97 -31.51 0.34
CA GLN A 83 34.14 -30.75 -0.08
C GLN A 83 34.26 -29.49 0.81
N CYS A 84 33.15 -28.77 1.00
CA CYS A 84 33.20 -27.59 1.85
C CYS A 84 33.73 -28.01 3.22
N GLY A 85 33.29 -29.18 3.68
CA GLY A 85 33.73 -29.68 4.96
C GLY A 85 35.24 -29.82 5.07
N GLU A 86 35.86 -30.46 4.09
CA GLU A 86 37.30 -30.67 4.10
C GLU A 86 38.03 -29.32 3.98
N LYS A 87 37.41 -28.40 3.24
CA LYS A 87 37.99 -27.09 2.99
C LYS A 87 38.00 -26.20 4.24
N GLY A 88 37.09 -26.53 5.18
CA GLY A 88 37.06 -25.79 6.44
C GLY A 88 36.04 -24.65 6.42
N VAL A 89 35.02 -24.82 5.56
CA VAL A 89 33.97 -23.80 5.49
C VAL A 89 33.12 -23.78 6.76
N LYS A 90 32.82 -22.57 7.23
CA LYS A 90 32.08 -22.45 8.48
C LYS A 90 30.57 -22.56 8.26
N GLY A 91 30.06 -21.78 7.29
CA GLY A 91 28.63 -21.78 7.04
C GLY A 91 28.31 -22.07 5.56
N VAL A 92 27.17 -22.76 5.35
CA VAL A 92 26.76 -23.07 3.98
C VAL A 92 25.29 -22.72 3.75
N VAL A 93 25.04 -22.01 2.65
CA VAL A 93 23.70 -21.69 2.24
C VAL A 93 23.44 -22.60 1.05
N ILE A 94 22.44 -23.47 1.18
CA ILE A 94 22.07 -24.40 0.12
C ILE A 94 20.82 -23.87 -0.53
N ILE A 95 20.97 -23.31 -1.73
CA ILE A 95 19.87 -22.75 -2.47
C ILE A 95 19.05 -23.86 -3.10
N THR A 96 19.74 -24.88 -3.57
CA THR A 96 19.11 -26.02 -4.23
C THR A 96 17.95 -26.68 -3.48
N ALA A 97 16.92 -27.01 -4.26
CA ALA A 97 15.74 -27.70 -3.78
C ALA A 97 15.78 -29.19 -4.14
N GLY A 98 14.71 -29.90 -3.74
CA GLY A 98 14.64 -31.33 -4.04
C GLY A 98 14.88 -32.18 -2.79
N PHE A 99 14.75 -31.52 -1.62
CA PHE A 99 14.98 -32.23 -0.37
C PHE A 99 13.69 -32.46 0.45
N GLY A 100 13.72 -32.01 1.73
CA GLY A 100 12.65 -32.40 2.66
C GLY A 100 11.27 -31.85 2.27
N GLU A 101 11.15 -31.06 1.22
CA GLU A 101 9.83 -30.56 0.82
C GLU A 101 9.15 -31.52 -0.15
N THR A 102 9.92 -32.45 -0.70
CA THR A 102 9.39 -33.40 -1.66
C THR A 102 8.90 -34.72 -1.07
N GLY A 103 9.16 -34.95 0.21
CA GLY A 103 8.72 -36.20 0.81
C GLY A 103 9.66 -36.83 1.83
N GLU A 104 9.32 -38.04 2.25
CA GLU A 104 10.11 -38.77 3.24
C GLU A 104 11.54 -39.06 2.77
N GLU A 105 11.70 -39.37 1.50
CA GLU A 105 13.02 -39.66 0.97
C GLU A 105 13.86 -38.39 0.95
N GLY A 106 13.24 -37.27 0.60
CA GLY A 106 13.96 -36.02 0.59
C GLY A 106 14.37 -35.63 2.00
N LYS A 107 13.52 -35.95 2.96
CA LYS A 107 13.79 -35.63 4.36
C LYS A 107 15.03 -36.37 4.84
N ARG A 108 15.10 -37.65 4.51
CA ARG A 108 16.23 -38.48 4.91
C ARG A 108 17.54 -37.93 4.35
N GLU A 109 17.52 -37.57 3.07
CA GLU A 109 18.72 -37.01 2.47
C GLU A 109 19.07 -35.72 3.19
N GLU A 110 18.02 -34.97 3.52
CA GLU A 110 18.19 -33.70 4.19
C GLU A 110 18.89 -33.90 5.53
N LYS A 111 18.43 -34.89 6.29
CA LYS A 111 19.03 -35.18 7.59
C LYS A 111 20.50 -35.54 7.45
N GLU A 112 20.81 -36.31 6.40
CA GLU A 112 22.18 -36.72 6.15
C GLU A 112 23.04 -35.49 5.88
N LEU A 113 22.47 -34.49 5.20
CA LEU A 113 23.21 -33.25 4.91
C LEU A 113 23.56 -32.58 6.23
N VAL A 114 22.61 -32.54 7.14
CA VAL A 114 22.82 -31.92 8.45
C VAL A 114 23.85 -32.71 9.25
N GLU A 115 23.73 -34.03 9.18
CA GLU A 115 24.66 -34.92 9.87
C GLU A 115 26.09 -34.65 9.37
N ILE A 116 26.24 -34.48 8.06
CA ILE A 116 27.55 -34.21 7.50
C ILE A 116 28.06 -32.87 8.02
N ALA A 117 27.19 -31.88 8.07
CA ALA A 117 27.59 -30.56 8.54
C ALA A 117 28.10 -30.62 9.97
N HIS A 118 27.34 -31.26 10.85
CA HIS A 118 27.73 -31.36 12.25
C HIS A 118 29.10 -32.03 12.42
N LYS A 119 29.39 -32.99 11.55
CA LYS A 119 30.68 -33.68 11.60
C LYS A 119 31.84 -32.73 11.33
N TYR A 120 31.67 -31.86 10.35
CA TYR A 120 32.72 -30.91 9.98
C TYR A 120 32.64 -29.62 10.76
N GLY A 121 31.64 -29.52 11.64
CA GLY A 121 31.46 -28.27 12.39
C GLY A 121 30.88 -27.14 11.52
N ARG A 123 27.56 -25.07 9.74
CA ARG A 123 26.13 -24.78 9.87
C ARG A 123 25.47 -24.58 8.50
N ILE A 124 24.24 -25.11 8.35
CA ILE A 124 23.59 -25.02 7.05
C ILE A 124 22.28 -24.23 7.10
N ILE A 125 22.18 -23.25 6.19
CA ILE A 125 20.88 -22.60 6.01
C ILE A 125 20.17 -23.14 4.76
N GLY A 126 18.92 -23.56 4.96
CA GLY A 126 18.19 -24.23 3.89
C GLY A 126 18.02 -25.72 4.20
N PRO A 127 17.96 -26.54 3.15
CA PRO A 127 18.08 -26.09 1.77
C PRO A 127 16.76 -25.49 1.26
N ASN A 128 16.64 -25.45 -0.09
CA ASN A 128 15.47 -24.82 -0.69
C ASN A 128 15.21 -23.43 -0.11
N CYS A 129 16.25 -22.58 -0.20
CA CYS A 129 16.12 -21.21 0.29
C CYS A 129 16.48 -20.20 -0.80
N VAL A 130 16.09 -18.94 -0.57
CA VAL A 130 16.45 -17.90 -1.53
C VAL A 130 17.80 -17.28 -1.19
N GLY A 131 18.25 -17.51 0.05
CA GLY A 131 19.55 -17.01 0.45
C GLY A 131 19.45 -16.02 1.60
N ILE A 132 20.55 -15.27 1.79
CA ILE A 132 20.69 -14.26 2.85
C ILE A 132 21.29 -12.94 2.33
N ASN A 134 23.24 -9.06 3.75
CA ASN A 134 23.66 -8.06 4.71
C ASN A 134 23.87 -6.71 4.00
N THR A 135 22.77 -5.95 3.92
CA THR A 135 22.81 -4.70 3.17
C THR A 135 23.87 -3.75 3.70
N HIS A 136 24.16 -3.87 5.01
CA HIS A 136 25.12 -2.95 5.61
C HIS A 136 26.51 -3.03 4.94
N VAL A 137 26.83 -4.23 4.44
CA VAL A 137 28.11 -4.40 3.75
C VAL A 137 27.91 -4.92 2.32
N ASP A 138 26.80 -4.54 1.69
CA ASP A 138 26.51 -4.91 0.31
C ASP A 138 26.66 -6.41 0.02
N LEU A 139 26.19 -7.23 0.95
CA LEU A 139 26.26 -8.68 0.80
C LEU A 139 24.88 -9.21 0.40
N ASN A 140 24.78 -9.72 -0.82
CA ASN A 140 23.52 -10.25 -1.31
C ASN A 140 23.74 -11.64 -1.90
N ALA A 141 23.83 -12.64 -1.01
CA ALA A 141 24.01 -14.03 -1.37
C ALA A 141 22.64 -14.61 -1.69
N THR A 142 22.04 -14.11 -2.76
CA THR A 142 20.72 -14.52 -3.20
C THR A 142 20.63 -14.45 -4.73
N PHE A 143 19.52 -14.93 -5.29
CA PHE A 143 19.34 -14.85 -6.73
C PHE A 143 18.26 -13.81 -7.06
N ILE A 144 18.06 -12.87 -6.15
CA ILE A 144 17.10 -11.79 -6.36
C ILE A 144 17.77 -10.45 -6.04
N THR A 145 17.16 -9.35 -6.48
CA THR A 145 17.75 -8.03 -6.23
C THR A 145 17.86 -7.74 -4.72
N VAL A 146 18.91 -7.02 -4.32
CA VAL A 146 19.13 -6.68 -2.92
C VAL A 146 18.12 -5.66 -2.39
N ALA A 147 17.71 -5.82 -1.14
CA ALA A 147 16.76 -4.89 -0.57
C ALA A 147 17.51 -3.59 -0.26
N LYS A 148 16.77 -2.52 -0.02
CA LYS A 148 17.42 -1.26 0.34
C LYS A 148 18.01 -1.40 1.73
N LYS A 149 18.95 -0.51 2.05
CA LYS A 149 19.60 -0.54 3.37
C LYS A 149 18.60 -0.17 4.48
N GLY A 150 18.73 -0.87 5.63
CA GLY A 150 17.80 -0.61 6.73
C GLY A 150 18.22 -1.31 8.01
N ASN A 151 17.38 -1.14 9.06
CA ASN A 151 17.72 -1.69 10.37
C ASN A 151 16.71 -2.75 10.86
N VAL A 152 15.87 -3.24 9.93
CA VAL A 152 15.00 -4.35 10.26
C VAL A 152 15.53 -5.68 9.71
N ALA A 153 15.77 -6.66 10.57
CA ALA A 153 16.27 -7.96 10.13
C ALA A 153 15.03 -8.77 9.80
N PHE A 154 14.94 -9.27 8.58
CA PHE A 154 13.76 -10.03 8.18
C PHE A 154 14.06 -11.50 7.90
N ILE A 155 13.38 -12.38 8.63
CA ILE A 155 13.53 -13.83 8.48
C ILE A 155 12.23 -14.40 7.91
N SER A 156 12.31 -14.99 6.73
CA SER A 156 11.12 -15.54 6.14
C SER A 156 11.20 -17.02 5.82
N GLN A 157 10.16 -17.75 6.24
CA GLN A 157 10.11 -19.18 6.01
C GLN A 157 9.55 -19.44 4.61
N SER A 158 9.17 -18.37 3.92
CA SER A 158 8.65 -18.47 2.56
C SER A 158 9.55 -17.63 1.65
N GLY A 159 10.25 -18.29 0.74
CA GLY A 159 11.14 -17.60 -0.18
C GLY A 159 10.44 -16.71 -1.19
N ALA A 160 9.29 -17.15 -1.69
CA ALA A 160 8.54 -16.37 -2.68
C ALA A 160 8.00 -15.11 -2.02
N LEU A 161 7.48 -15.25 -0.81
CA LEU A 161 6.98 -14.09 -0.10
C LEU A 161 8.17 -13.16 0.20
N GLY A 162 9.31 -13.76 0.55
CA GLY A 162 10.49 -12.96 0.81
C GLY A 162 10.83 -12.05 -0.37
N ALA A 163 10.98 -12.62 -1.56
CA ALA A 163 11.27 -11.82 -2.75
C ALA A 163 10.23 -10.73 -2.99
N GLY A 164 8.96 -11.11 -2.90
CA GLY A 164 7.89 -10.15 -3.13
C GLY A 164 7.90 -8.99 -2.16
N ILE A 165 8.29 -9.25 -0.93
CA ILE A 165 8.35 -8.21 0.09
C ILE A 165 9.56 -7.31 -0.21
N VAL A 166 10.67 -7.92 -0.61
CA VAL A 166 11.86 -7.13 -0.95
C VAL A 166 11.48 -6.14 -2.05
N TYR A 167 10.80 -6.61 -3.09
CA TYR A 167 10.40 -5.71 -4.18
C TYR A 167 9.44 -4.67 -3.66
N LYS A 168 8.58 -5.08 -2.74
CA LYS A 168 7.61 -4.16 -2.15
C LYS A 168 8.31 -3.02 -1.46
N THR A 169 9.15 -3.35 -0.48
CA THR A 169 9.89 -2.36 0.31
C THR A 169 10.77 -1.43 -0.52
N ILE A 170 11.37 -1.98 -1.57
CA ILE A 170 12.25 -1.22 -2.46
C ILE A 170 11.49 -0.02 -3.00
N LYS A 171 10.33 -0.29 -3.60
CA LYS A 171 9.52 0.79 -4.14
C LYS A 171 8.98 1.71 -3.05
N GLU A 172 8.69 1.15 -1.87
CA GLU A 172 8.15 1.93 -0.76
C GLU A 172 9.25 2.60 0.03
N ASP A 173 10.48 2.42 -0.45
CA ASP A 173 11.64 3.03 0.18
C ASP A 173 11.90 2.63 1.62
N ILE A 174 11.76 1.35 1.93
CA ILE A 174 12.07 0.89 3.26
C ILE A 174 13.03 -0.27 3.03
N GLY A 175 14.03 -0.41 3.89
CA GLY A 175 14.99 -1.46 3.70
C GLY A 175 15.18 -2.37 4.91
N PHE A 176 16.07 -3.32 4.75
CA PHE A 176 16.37 -4.27 5.81
C PHE A 176 17.85 -4.24 6.08
N SER A 177 18.21 -4.55 7.32
CA SER A 177 19.62 -4.63 7.68
C SER A 177 20.06 -5.98 7.16
N LYS A 178 19.32 -7.03 7.54
CA LYS A 178 19.65 -8.38 7.09
C LYS A 178 18.40 -9.10 6.61
N PHE A 179 18.60 -10.05 5.70
CA PHE A 179 17.52 -10.86 5.14
C PHE A 179 17.90 -12.34 5.13
N ILE A 180 17.00 -13.16 5.70
CA ILE A 180 17.30 -14.57 5.77
C ILE A 180 16.13 -15.44 5.32
N SER A 181 16.28 -16.00 4.11
CA SER A 181 15.40 -17.09 3.71
C SER A 181 15.97 -18.41 4.24
N VAL A 182 15.16 -19.09 5.08
CA VAL A 182 15.64 -20.32 5.69
C VAL A 182 15.19 -21.55 4.90
N GLY A 183 14.23 -21.31 3.99
CA GLY A 183 13.70 -22.41 3.20
C GLY A 183 13.31 -23.59 4.08
N ASN A 184 13.77 -24.82 3.86
CA ASN A 184 13.35 -25.97 4.66
C ASN A 184 13.76 -25.86 6.12
N ALA A 186 16.49 -26.71 7.80
CA ALA A 186 16.92 -27.99 8.34
C ALA A 186 17.85 -27.82 9.54
N ASP A 187 18.78 -26.87 9.43
CA ASP A 187 19.76 -26.68 10.49
C ASP A 187 19.48 -25.39 11.29
N VAL A 188 20.18 -24.31 10.89
CA VAL A 188 19.95 -23.03 11.54
C VAL A 188 18.47 -22.64 11.47
N ASP A 189 17.91 -22.28 12.64
CA ASP A 189 16.50 -21.93 12.68
C ASP A 189 16.26 -20.53 13.24
N PHE A 190 14.98 -20.23 13.43
CA PHE A 190 14.55 -18.95 13.98
C PHE A 190 15.28 -18.65 15.29
N ALA A 191 15.22 -19.60 16.22
CA ALA A 191 15.83 -19.44 17.53
C ALA A 191 17.31 -19.06 17.49
N GLU A 192 18.09 -19.84 16.74
CA GLU A 192 19.50 -19.57 16.63
C GLU A 192 19.73 -18.21 16.00
N LEU A 193 18.88 -17.86 15.04
CA LEU A 193 19.01 -16.58 14.37
C LEU A 193 18.65 -15.43 15.32
N GLU A 195 18.95 -15.51 18.48
CA GLU A 195 20.00 -15.39 19.48
C GLU A 195 21.12 -14.52 18.93
N TYR A 196 21.53 -14.77 17.69
CA TYR A 196 22.59 -13.98 17.10
C TYR A 196 22.19 -12.50 16.90
N LEU A 197 21.00 -12.27 16.35
CA LEU A 197 20.51 -10.93 16.08
C LEU A 197 20.25 -10.11 17.33
N ALA A 198 20.09 -10.79 18.46
CA ALA A 198 19.85 -10.10 19.72
C ALA A 198 20.98 -9.13 20.07
N ASP A 199 22.20 -9.41 19.61
CA ASP A 199 23.34 -8.57 19.96
C ASP A 199 23.97 -7.67 18.90
N THR A 200 23.60 -7.82 17.64
CA THR A 200 24.19 -6.94 16.64
C THR A 200 23.69 -5.52 16.93
N GLU A 201 24.29 -4.53 16.26
CA GLU A 201 23.82 -3.18 16.52
C GLU A 201 22.97 -2.63 15.38
N GLU A 202 23.23 -3.17 14.17
CA GLU A 202 22.53 -2.67 12.99
C GLU A 202 21.07 -3.13 12.96
N ASP A 203 20.83 -4.32 13.56
CA ASP A 203 19.46 -4.83 13.61
C ASP A 203 18.71 -4.27 14.82
N LYS A 204 17.86 -3.27 14.54
CA LYS A 204 17.09 -2.65 15.61
C LYS A 204 15.84 -3.48 15.95
N ALA A 205 15.37 -4.23 14.93
CA ALA A 205 14.19 -5.06 15.14
C ALA A 205 14.23 -6.32 14.26
N ILE A 206 13.44 -7.32 14.68
CA ILE A 206 13.38 -8.56 13.90
C ILE A 206 11.95 -8.83 13.41
N ALA A 207 11.80 -9.03 12.11
CA ALA A 207 10.49 -9.30 11.53
C ALA A 207 10.52 -10.75 11.13
N LEU A 208 9.44 -11.48 11.41
CA LEU A 208 9.40 -12.90 11.08
C LEU A 208 8.16 -13.30 10.28
N TYR A 209 8.36 -14.12 9.26
CA TYR A 209 7.23 -14.66 8.52
C TYR A 209 7.31 -16.15 8.86
N ILE A 210 6.44 -16.58 9.76
CA ILE A 210 6.44 -17.97 10.21
C ILE A 210 5.34 -18.85 9.65
N GLU A 211 5.75 -20.04 9.21
CA GLU A 211 4.81 -21.02 8.72
C GLU A 211 4.74 -22.02 9.88
N GLY A 212 5.88 -22.22 10.54
CA GLY A 212 5.87 -23.01 11.76
C GLY A 212 7.30 -23.31 12.24
N VAL A 213 7.45 -23.37 13.58
CA VAL A 213 8.75 -23.68 14.15
C VAL A 213 8.84 -25.16 14.53
N ARG A 214 10.09 -25.64 14.68
CA ARG A 214 10.28 -27.04 15.06
C ARG A 214 10.27 -27.21 16.58
N ASN A 215 11.20 -26.49 17.23
CA ASN A 215 11.27 -26.55 18.69
C ASN A 215 10.57 -25.34 19.34
N GLY A 216 9.23 -25.44 19.39
CA GLY A 216 8.45 -24.34 19.93
C GLY A 216 8.95 -23.91 21.32
N LYS A 217 9.45 -24.88 22.08
CA LYS A 217 9.95 -24.62 23.42
C LYS A 217 11.18 -23.69 23.40
N LYS A 218 12.16 -24.05 22.57
CA LYS A 218 13.39 -23.27 22.44
C LYS A 218 13.10 -21.88 21.89
N PHE A 219 12.20 -21.84 20.90
CA PHE A 219 11.81 -20.59 20.27
C PHE A 219 11.24 -19.59 21.28
N GLU A 221 11.46 -19.52 24.62
CA GLU A 221 12.38 -19.09 25.66
C GLU A 221 13.45 -18.16 25.11
N VAL A 222 13.84 -18.35 23.85
CA VAL A 222 14.83 -17.47 23.23
C VAL A 222 14.13 -16.12 22.99
N ALA A 223 12.91 -16.17 22.48
CA ALA A 223 12.14 -14.96 22.21
C ALA A 223 11.91 -14.15 23.48
N LYS A 224 11.58 -14.83 24.57
CA LYS A 224 11.35 -14.20 25.85
C LYS A 224 12.54 -13.35 26.26
N ARG A 225 13.73 -13.90 26.06
CA ARG A 225 14.94 -13.16 26.42
C ARG A 225 15.23 -12.02 25.44
N VAL A 226 15.31 -12.38 24.15
CA VAL A 226 15.64 -11.37 23.14
C VAL A 226 14.66 -10.18 23.17
N THR A 227 13.36 -10.50 23.34
CA THR A 227 12.36 -9.45 23.31
C THR A 227 12.55 -8.44 24.43
N LYS A 228 13.53 -8.71 25.29
CA LYS A 228 13.84 -7.74 26.30
C LYS A 228 14.84 -6.69 25.77
N LYS A 229 15.76 -7.14 24.89
CA LYS A 229 16.70 -6.22 24.24
C LYS A 229 16.08 -5.45 23.06
N LYS A 230 15.61 -6.23 22.06
CA LYS A 230 14.92 -5.60 20.93
C LYS A 230 13.73 -6.43 20.45
N PRO A 231 12.77 -5.73 19.84
CA PRO A 231 11.51 -6.32 19.42
C PRO A 231 11.52 -7.33 18.27
N ILE A 232 10.56 -8.23 18.33
CA ILE A 232 10.39 -9.26 17.33
C ILE A 232 8.93 -9.19 16.89
N ILE A 233 8.70 -9.07 15.58
CA ILE A 233 7.35 -8.99 15.02
C ILE A 233 7.13 -10.21 14.12
N ALA A 234 6.12 -11.01 14.45
CA ALA A 234 5.82 -12.22 13.68
C ALA A 234 4.47 -12.21 12.95
N LEU A 235 4.52 -12.58 11.68
CA LEU A 235 3.33 -12.69 10.85
C LEU A 235 3.19 -14.20 10.67
N LYS A 236 2.18 -14.77 11.31
CA LYS A 236 1.95 -16.22 11.25
C LYS A 236 0.86 -16.57 10.24
N ALA A 237 1.25 -17.42 9.28
CA ALA A 237 0.29 -17.82 8.25
C ALA A 237 -0.54 -19.03 8.70
N GLY A 238 -1.84 -18.98 8.37
CA GLY A 238 -2.69 -20.12 8.66
C GLY A 238 -3.87 -19.75 9.56
N SER A 257 -4.14 -24.63 16.21
CA SER A 257 -2.73 -24.41 15.89
C SER A 257 -2.41 -22.91 15.81
N TRP A 258 -3.06 -22.24 14.84
CA TRP A 258 -2.81 -20.81 14.66
C TRP A 258 -3.24 -20.01 15.89
N LYS A 259 -4.28 -20.52 16.56
CA LYS A 259 -4.79 -19.81 17.74
C LYS A 259 -3.80 -19.84 18.90
N ILE A 260 -3.33 -21.07 19.22
CA ILE A 260 -2.41 -21.20 20.31
C ILE A 260 -1.05 -20.52 20.02
N TYR A 261 -0.70 -20.49 18.72
CA TYR A 261 0.55 -19.86 18.33
C TYR A 261 0.58 -18.38 18.71
N GLU A 262 -0.53 -17.69 18.42
CA GLU A 262 -0.60 -16.27 18.73
C GLU A 262 -0.42 -16.01 20.23
N ALA A 263 -1.12 -16.79 21.05
CA ALA A 263 -1.00 -16.65 22.51
C ALA A 263 0.41 -16.92 22.98
N ALA A 264 1.08 -17.91 22.39
CA ALA A 264 2.46 -18.22 22.75
C ALA A 264 3.37 -17.04 22.40
N PHE A 265 3.13 -16.41 21.25
CA PHE A 265 3.95 -15.27 20.85
C PHE A 265 3.80 -14.14 21.85
N LYS A 266 2.56 -13.88 22.24
CA LYS A 266 2.24 -12.81 23.19
C LYS A 266 2.99 -12.93 24.51
N GLN A 267 2.99 -14.14 25.09
CA GLN A 267 3.66 -14.36 26.38
C GLN A 267 5.17 -14.20 26.34
N SER A 268 5.76 -14.48 25.19
CA SER A 268 7.21 -14.37 25.02
C SER A 268 7.65 -12.95 24.64
N GLY A 269 6.71 -12.01 24.61
CA GLY A 269 7.03 -10.63 24.27
C GLY A 269 7.02 -10.34 22.78
N VAL A 270 6.61 -11.34 22.00
CA VAL A 270 6.54 -11.22 20.54
C VAL A 270 5.29 -10.49 20.08
N LEU A 271 5.49 -9.45 19.28
CA LEU A 271 4.38 -8.66 18.77
C LEU A 271 3.86 -9.36 17.52
N VAL A 272 2.55 -9.41 17.38
CA VAL A 272 1.96 -10.09 16.25
C VAL A 272 1.39 -9.16 15.19
N ALA A 273 1.64 -9.50 13.93
CA ALA A 273 1.13 -8.71 12.82
C ALA A 273 0.20 -9.67 12.08
N ASN A 274 -0.86 -9.14 11.47
CA ASN A 274 -1.78 -9.99 10.75
C ASN A 274 -1.66 -9.79 9.25
N THR A 275 -0.84 -8.82 8.83
CA THR A 275 -0.61 -8.58 7.41
C THR A 275 0.86 -8.22 7.18
N ILE A 276 1.27 -8.26 5.91
CA ILE A 276 2.62 -7.92 5.53
C ILE A 276 2.89 -6.49 6.00
N ASP A 277 2.02 -5.57 5.57
CA ASP A 277 2.16 -4.17 5.92
C ASP A 277 2.24 -3.89 7.41
N GLU A 278 1.50 -4.64 8.22
CA GLU A 278 1.56 -4.44 9.66
C GLU A 278 2.92 -4.88 10.17
N LEU A 280 5.78 -5.03 8.62
CA LEU A 280 6.77 -4.04 8.20
C LEU A 280 6.60 -2.71 8.92
N SER A 281 5.36 -2.27 9.06
CA SER A 281 5.08 -1.00 9.70
C SER A 281 5.49 -1.03 11.18
N ALA A 283 7.71 -3.07 12.56
CA ALA A 283 9.11 -3.41 12.80
C ALA A 283 10.05 -2.21 12.60
N ARG A 284 9.74 -1.40 11.57
CA ARG A 284 10.67 -0.33 11.22
C ARG A 284 10.36 0.95 11.99
N ALA A 285 9.52 0.79 13.03
CA ALA A 285 9.20 1.94 13.86
C ALA A 285 10.20 2.07 15.02
N PHE A 286 11.06 1.04 15.14
CA PHE A 286 12.03 1.08 16.23
C PHE A 286 13.30 1.84 15.83
N SER A 287 13.12 2.75 14.85
CA SER A 287 14.17 3.71 14.57
C SER A 287 14.07 4.89 15.52
N GLN A 288 12.94 4.89 16.28
CA GLN A 288 12.71 5.93 17.27
C GLN A 288 12.79 5.36 18.69
N PRO A 289 12.80 6.27 19.68
CA PRO A 289 12.86 5.87 21.08
C PRO A 289 11.57 5.19 21.52
N LEU A 290 11.65 4.41 22.59
CA LEU A 290 10.46 3.86 23.23
C LEU A 290 9.73 4.90 24.09
N PRO A 291 8.40 4.99 23.94
CA PRO A 291 7.55 5.92 24.68
C PRO A 291 7.43 5.58 26.16
N ARG A 292 7.37 6.62 27.00
CA ARG A 292 7.26 6.41 28.43
C ARG A 292 5.80 6.26 28.84
N GLY A 293 4.91 6.32 27.87
CA GLY A 293 3.50 6.16 28.13
C GLY A 293 2.76 5.88 26.84
N ASN A 294 1.43 5.82 26.90
CA ASN A 294 0.64 5.54 25.72
C ASN A 294 -0.24 6.72 25.29
N LYS A 295 0.11 7.91 25.74
CA LYS A 295 -0.67 9.10 25.39
C LYS A 295 -0.03 9.76 24.17
N VAL A 296 -0.76 9.74 23.06
CA VAL A 296 -0.24 10.28 21.83
C VAL A 296 -0.82 11.64 21.45
N ALA A 297 0.00 12.43 20.77
CA ALA A 297 -0.44 13.72 20.28
C ALA A 297 -0.49 13.63 18.76
N ILE A 298 -1.62 14.02 18.19
CA ILE A 298 -1.78 14.01 16.75
C ILE A 298 -1.79 15.44 16.20
N THR A 300 -1.97 17.61 12.49
CA THR A 300 -2.29 17.38 11.08
C THR A 300 -2.71 18.66 10.35
N ASN A 301 -2.66 18.61 9.02
CA ASN A 301 -3.08 19.75 8.20
C ASN A 301 -4.38 19.38 7.48
N ALA A 302 -4.91 18.22 7.82
CA ALA A 302 -6.14 17.71 7.24
C ALA A 302 -6.95 16.94 8.27
N GLY A 303 -8.19 17.38 8.50
CA GLY A 303 -9.05 16.71 9.48
C GLY A 303 -9.28 15.24 9.18
N GLY A 304 -9.77 14.93 7.99
CA GLY A 304 -10.05 13.55 7.61
C GLY A 304 -8.98 12.56 8.05
N PRO A 305 -7.76 12.68 7.51
CA PRO A 305 -6.65 11.81 7.84
C PRO A 305 -6.44 11.69 9.35
N GLY A 306 -6.77 12.76 10.07
CA GLY A 306 -6.61 12.74 11.51
C GLY A 306 -7.64 11.86 12.21
N VAL A 307 -8.90 11.97 11.79
CA VAL A 307 -9.96 11.18 12.41
C VAL A 307 -9.71 9.70 12.14
N LEU A 308 -9.37 9.37 10.89
CA LEU A 308 -9.08 8.00 10.55
C LEU A 308 -7.92 7.52 11.40
N THR A 309 -6.86 8.32 11.50
CA THR A 309 -5.73 7.90 12.32
C THR A 309 -6.13 7.74 13.79
N ALA A 310 -6.99 8.63 14.28
CA ALA A 310 -7.42 8.51 15.68
C ALA A 310 -8.17 7.19 15.85
N ASP A 311 -9.10 6.88 14.96
CA ASP A 311 -9.84 5.62 15.03
C ASP A 311 -8.87 4.45 15.14
N GLU A 312 -7.95 4.36 14.17
CA GLU A 312 -6.98 3.28 14.11
C GLU A 312 -6.16 3.10 15.38
N LEU A 313 -5.82 4.21 16.02
CA LEU A 313 -5.05 4.16 17.25
C LEU A 313 -5.93 3.63 18.36
N ASP A 314 -7.19 4.09 18.34
CA ASP A 314 -8.12 3.74 19.41
C ASP A 314 -8.31 2.23 19.50
N LYS A 315 -8.76 1.64 18.38
CA LYS A 315 -8.97 0.20 18.35
C LYS A 315 -7.67 -0.56 18.64
N ARG A 316 -6.55 0.19 18.62
CA ARG A 316 -5.26 -0.43 18.90
C ARG A 316 -4.88 -0.30 20.38
N GLY A 317 -5.75 0.42 21.06
CA GLY A 317 -5.58 0.60 22.49
C GLY A 317 -4.81 1.85 22.89
N LEU A 318 -4.34 2.61 21.92
CA LEU A 318 -3.62 3.83 22.26
C LEU A 318 -4.62 4.91 22.63
N LYS A 319 -4.21 5.85 23.47
CA LYS A 319 -5.09 6.92 23.89
C LYS A 319 -4.53 8.31 23.58
N LEU A 320 -5.43 9.26 23.34
CA LEU A 320 -5.03 10.65 23.04
C LEU A 320 -4.70 11.40 24.31
N ALA A 321 -3.57 12.09 24.30
CA ALA A 321 -3.14 12.85 25.47
C ALA A 321 -3.98 14.11 25.68
N THR A 322 -3.93 14.65 26.90
CA THR A 322 -4.67 15.87 27.22
C THR A 322 -3.59 16.92 27.35
N LEU A 323 -3.65 17.95 26.50
CA LEU A 323 -2.66 19.01 26.50
C LEU A 323 -2.82 20.01 27.64
N GLU A 324 -1.75 20.77 27.92
CA GLU A 324 -1.81 21.79 28.96
C GLU A 324 -2.40 23.05 28.35
N GLU A 325 -3.05 23.88 29.17
CA GLU A 325 -3.60 25.12 28.63
C GLU A 325 -2.51 25.99 28.00
N LYS A 326 -1.36 26.07 28.70
CA LYS A 326 -0.26 26.88 28.19
C LYS A 326 0.06 26.53 26.73
N THR A 327 0.14 25.21 26.47
CA THR A 327 0.43 24.76 25.11
C THR A 327 -0.72 25.06 24.16
N ILE A 328 -1.93 24.78 24.61
CA ILE A 328 -3.14 25.08 23.84
C ILE A 328 -3.24 26.55 23.50
N GLU A 329 -2.90 27.41 24.46
CA GLU A 329 -2.97 28.86 24.26
C GLU A 329 -2.02 29.35 23.19
N GLU A 330 -0.78 28.88 23.20
CA GLU A 330 0.18 29.32 22.21
C GLU A 330 -0.23 28.82 20.82
N LEU A 331 -0.80 27.63 20.76
CA LEU A 331 -1.25 27.08 19.48
C LEU A 331 -2.29 28.02 18.87
N ARG A 332 -3.21 28.43 19.73
CA ARG A 332 -4.29 29.34 19.36
C ARG A 332 -3.80 30.71 18.91
N SER A 333 -2.58 31.08 19.29
CA SER A 333 -2.05 32.38 18.91
C SER A 333 -1.54 32.50 17.47
N PHE A 334 -0.90 31.44 16.96
CA PHE A 334 -0.37 31.52 15.61
C PHE A 334 -1.12 30.70 14.56
N LEU A 335 -2.04 29.84 14.99
CA LEU A 335 -2.81 29.03 14.05
C LEU A 335 -4.09 29.73 13.64
N PRO A 336 -4.67 29.34 12.50
CA PRO A 336 -5.91 29.95 12.03
C PRO A 336 -7.04 29.82 13.06
N PRO A 337 -8.16 30.54 12.86
CA PRO A 337 -9.31 30.60 13.76
C PRO A 337 -10.08 29.27 13.85
N ALA A 339 -8.93 26.39 13.59
CA ALA A 339 -7.99 25.31 13.89
C ALA A 339 -8.35 24.59 15.19
N ALA A 340 -8.19 23.26 15.17
CA ALA A 340 -8.45 22.50 16.40
C ALA A 340 -7.18 22.38 17.23
N VAL A 341 -7.28 22.81 18.50
CA VAL A 341 -6.12 22.80 19.37
C VAL A 341 -6.34 21.91 20.61
N LYS A 342 -7.35 21.02 20.50
CA LYS A 342 -7.57 20.05 21.57
C LYS A 342 -6.66 18.83 21.42
N ASN A 343 -7.18 17.68 21.88
CA ASN A 343 -6.39 16.44 21.85
C ASN A 343 -5.64 16.25 20.52
N PRO A 344 -6.41 16.27 19.40
CA PRO A 344 -5.82 16.31 18.07
C PRO A 344 -5.68 17.74 17.57
N VAL A 345 -4.44 18.10 17.19
CA VAL A 345 -4.20 19.47 16.74
C VAL A 345 -4.34 19.60 15.22
N ASP A 346 -5.44 20.26 14.78
CA ASP A 346 -5.64 20.35 13.35
C ASP A 346 -5.29 21.74 12.80
N ILE A 348 -4.73 24.19 9.87
CA ILE A 348 -5.51 24.17 8.64
C ILE A 348 -4.65 23.77 7.44
N ALA A 349 -5.36 23.65 6.32
CA ALA A 349 -4.75 23.26 5.05
C ALA A 349 -3.68 24.25 4.62
N SER A 350 -3.66 25.41 5.26
CA SER A 350 -2.69 26.44 4.96
C SER A 350 -1.40 26.27 5.75
N ALA A 351 -1.37 25.29 6.64
CA ALA A 351 -0.18 25.05 7.45
C ALA A 351 1.12 25.02 6.65
N ARG A 352 2.03 25.90 7.04
CA ARG A 352 3.34 25.99 6.40
C ARG A 352 4.41 25.32 7.26
N GLY A 353 5.60 25.16 6.66
CA GLY A 353 6.69 24.54 7.41
C GLY A 353 6.80 25.14 8.82
N GLU A 354 6.78 26.48 8.88
CA GLU A 354 6.90 27.14 10.18
C GLU A 354 5.83 26.66 11.17
N ASP A 355 4.62 26.44 10.63
CA ASP A 355 3.53 25.98 11.48
C ASP A 355 3.80 24.57 12.03
N TYR A 356 4.30 23.70 11.13
CA TYR A 356 4.64 22.35 11.55
C TYR A 356 5.75 22.35 12.61
N TYR A 357 6.79 23.16 12.35
CA TYR A 357 7.88 23.27 13.32
C TYR A 357 7.37 23.67 14.70
N ARG A 358 6.66 24.79 14.77
CA ARG A 358 6.17 25.28 16.06
C ARG A 358 5.25 24.31 16.79
N THR A 359 4.26 23.78 16.08
CA THR A 359 3.32 22.85 16.69
C THR A 359 3.99 21.58 17.22
N ALA A 360 4.92 21.02 16.45
CA ALA A 360 5.62 19.80 16.84
C ALA A 360 6.45 20.04 18.10
N LYS A 361 7.14 21.18 18.13
CA LYS A 361 7.96 21.59 19.28
C LYS A 361 7.06 21.69 20.51
N LEU A 362 5.97 22.43 20.35
CA LEU A 362 5.02 22.61 21.44
C LEU A 362 4.43 21.30 21.93
N LEU A 363 4.06 20.41 21.01
CA LEU A 363 3.49 19.13 21.41
C LEU A 363 4.54 18.23 22.08
N LEU A 364 5.75 18.21 21.53
CA LEU A 364 6.83 17.40 22.12
C LEU A 364 7.29 17.93 23.47
N GLN A 365 6.96 19.18 23.78
CA GLN A 365 7.36 19.78 25.05
C GLN A 365 6.28 19.62 26.12
N ASP A 366 5.06 19.36 25.68
CA ASP A 366 3.96 19.17 26.62
C ASP A 366 4.28 17.91 27.41
N PRO A 367 4.28 18.01 28.74
CA PRO A 367 4.57 16.87 29.62
C PRO A 367 3.60 15.71 29.53
N ASN A 368 2.45 15.91 28.89
CA ASN A 368 1.47 14.82 28.77
C ASN A 368 1.53 14.06 27.47
N VAL A 369 2.43 14.46 26.58
CA VAL A 369 2.58 13.79 25.30
C VAL A 369 3.72 12.78 25.40
N ASP A 370 3.43 11.53 25.06
CA ASP A 370 4.43 10.47 25.11
C ASP A 370 4.91 10.14 23.69
N LEU A 372 4.40 11.57 19.33
CA LEU A 372 3.88 12.56 18.39
C LEU A 372 3.71 11.94 17.01
N ILE A 373 2.49 12.01 16.48
CA ILE A 373 2.18 11.59 15.12
C ILE A 373 1.94 12.79 14.19
N ALA A 374 2.87 12.97 13.23
CA ALA A 374 2.69 14.08 12.30
C ALA A 374 2.02 13.64 10.98
N ILE A 375 0.82 14.21 10.73
CA ILE A 375 0.08 13.88 9.50
C ILE A 375 0.05 15.07 8.53
N CYS A 376 0.46 14.82 7.28
CA CYS A 376 0.47 15.92 6.36
C CYS A 376 0.05 15.46 4.96
N VAL A 377 -1.11 15.97 4.55
CA VAL A 377 -1.36 15.97 3.13
C VAL A 377 -0.51 17.08 2.49
N VAL A 378 0.37 16.66 1.57
CA VAL A 378 1.28 17.63 0.97
C VAL A 378 0.56 18.56 -0.02
N PRO A 379 0.56 19.86 0.32
CA PRO A 379 -0.11 20.86 -0.49
C PRO A 379 0.72 21.22 -1.72
N THR A 380 0.01 21.48 -2.82
CA THR A 380 0.67 21.91 -4.04
C THR A 380 0.26 23.33 -4.43
N PHE A 381 -0.27 24.05 -3.41
CA PHE A 381 -0.72 25.41 -3.64
C PHE A 381 -0.16 26.39 -2.60
N ALA A 382 -0.49 27.67 -2.75
CA ALA A 382 -0.05 28.71 -1.83
C ALA A 382 1.47 28.90 -1.88
N GLY A 383 2.10 28.38 -2.93
CA GLY A 383 3.53 28.52 -3.08
C GLY A 383 4.39 27.82 -2.04
N THR A 385 6.48 24.51 -0.54
CA THR A 385 7.29 23.48 -1.17
C THR A 385 6.78 22.09 -0.79
N LEU A 386 7.35 21.07 -1.40
CA LEU A 386 6.92 19.70 -1.16
C LEU A 386 7.54 19.09 0.08
N THR A 387 8.51 19.80 0.67
CA THR A 387 9.21 19.27 1.83
C THR A 387 9.26 20.17 3.05
N GLU A 388 8.72 21.38 2.97
CA GLU A 388 8.83 22.27 4.11
C GLU A 388 8.19 21.75 5.39
N HIS A 389 7.03 21.12 5.26
CA HIS A 389 6.34 20.60 6.43
C HIS A 389 7.21 19.54 7.09
N ALA A 390 7.79 18.65 6.29
CA ALA A 390 8.68 17.64 6.85
C ALA A 390 9.86 18.35 7.51
N GLU A 391 10.50 19.27 6.78
CA GLU A 391 11.63 20.01 7.34
C GLU A 391 11.22 20.55 8.69
N GLY A 392 10.03 21.15 8.74
CA GLY A 392 9.53 21.69 9.99
C GLY A 392 9.44 20.64 11.09
N ILE A 393 9.10 19.40 10.73
CA ILE A 393 9.00 18.32 11.72
C ILE A 393 10.40 18.01 12.24
N ILE A 394 11.29 17.78 11.28
CA ILE A 394 12.67 17.44 11.52
C ILE A 394 13.36 18.49 12.39
N ARG A 395 13.23 19.74 12.00
CA ARG A 395 13.85 20.84 12.74
C ARG A 395 13.39 20.85 14.20
N ALA A 396 12.10 20.57 14.43
CA ALA A 396 11.56 20.56 15.80
C ALA A 396 12.13 19.41 16.63
N VAL A 397 12.08 18.19 16.10
CA VAL A 397 12.60 17.03 16.83
C VAL A 397 14.06 17.26 17.21
N LYS A 398 14.82 17.79 16.25
CA LYS A 398 16.23 18.05 16.48
C LYS A 398 16.47 19.12 17.56
N GLU A 399 15.41 19.90 17.84
CA GLU A 399 15.61 21.01 18.78
C GLU A 399 15.31 20.58 20.22
N VAL A 400 14.03 20.21 20.46
CA VAL A 400 13.66 19.78 21.80
C VAL A 400 14.60 18.68 22.31
N ASN A 401 14.93 17.76 21.39
CA ASN A 401 15.90 16.72 21.70
C ASN A 401 15.58 15.96 22.98
N ASN A 402 14.28 15.64 23.14
CA ASN A 402 13.94 14.65 24.14
C ASN A 402 13.98 13.26 23.51
N GLU A 403 13.43 12.23 24.15
CA GLU A 403 13.42 10.95 23.45
C GLU A 403 12.05 10.31 23.48
N LYS A 404 11.20 11.20 22.98
CA LYS A 404 9.85 10.81 22.65
C LYS A 404 9.74 10.39 21.19
N PRO A 405 9.23 9.18 20.94
CA PRO A 405 9.10 8.70 19.56
C PRO A 405 8.26 9.64 18.71
N VAL A 406 8.67 9.80 17.46
CA VAL A 406 7.94 10.61 16.49
C VAL A 406 7.62 9.82 15.23
N LEU A 407 6.32 9.75 14.91
CA LEU A 407 5.90 9.04 13.71
C LEU A 407 5.27 10.00 12.70
N ALA A 408 5.48 9.69 11.41
CA ALA A 408 4.92 10.55 10.38
C ALA A 408 4.00 9.77 9.44
N PHE A 410 2.52 10.82 5.77
CA PHE A 410 2.45 11.83 4.73
C PHE A 410 1.70 11.34 3.49
N ALA A 412 0.52 12.52 -0.58
CA ALA A 412 0.68 11.09 -0.82
C ALA A 412 1.13 10.81 -2.26
N GLY A 413 1.26 9.52 -2.57
CA GLY A 413 1.69 9.15 -3.91
C GLY A 413 2.99 9.85 -4.30
N TYR A 414 3.02 10.35 -5.56
CA TYR A 414 4.21 11.04 -6.02
C TYR A 414 4.48 12.30 -5.20
N VAL A 415 3.44 13.09 -4.99
CA VAL A 415 3.53 14.39 -4.33
C VAL A 415 4.26 14.36 -2.98
N SER A 416 4.15 13.24 -2.28
CA SER A 416 4.76 13.12 -0.96
C SER A 416 6.10 12.38 -0.89
N GLU A 417 6.59 11.88 -2.03
CA GLU A 417 7.82 11.13 -2.06
C GLU A 417 9.06 11.81 -1.49
N LYS A 418 9.30 13.07 -1.87
CA LYS A 418 10.47 13.78 -1.38
C LYS A 418 10.39 14.03 0.13
N ALA A 419 9.20 14.35 0.63
CA ALA A 419 9.05 14.59 2.05
C ALA A 419 9.34 13.31 2.85
N LYS A 420 8.88 12.17 2.34
CA LYS A 420 9.12 10.90 3.02
C LYS A 420 10.61 10.59 3.04
N GLU A 421 11.23 10.62 1.86
CA GLU A 421 12.66 10.33 1.73
C GLU A 421 13.44 11.14 2.76
N LEU A 422 13.10 12.41 2.88
CA LEU A 422 13.77 13.31 3.82
C LEU A 422 13.52 12.94 5.27
N LEU A 423 12.29 12.52 5.59
CA LEU A 423 11.97 12.11 6.96
C LEU A 423 12.70 10.81 7.26
N GLU A 424 12.56 9.84 6.36
CA GLU A 424 13.27 8.59 6.61
C GLU A 424 14.78 8.80 6.75
N LYS A 425 15.29 9.81 6.00
CA LYS A 425 16.71 10.09 6.04
C LYS A 425 17.15 10.64 7.40
N ASN A 426 16.14 11.00 8.23
CA ASN A 426 16.44 11.53 9.54
C ASN A 426 15.95 10.60 10.66
N GLY A 427 15.69 9.34 10.28
CA GLY A 427 15.25 8.37 11.28
C GLY A 427 13.77 8.56 11.66
N ILE A 428 12.95 9.26 10.90
CA ILE A 428 11.51 9.30 11.18
C ILE A 428 10.71 8.37 10.29
N PRO A 429 10.21 7.26 10.85
CA PRO A 429 9.42 6.31 10.06
C PRO A 429 8.24 7.07 9.45
N THR A 430 8.03 6.93 8.16
CA THR A 430 6.94 7.63 7.50
C THR A 430 5.99 6.68 6.80
N TYR A 431 4.73 6.83 7.12
CA TYR A 431 3.70 5.96 6.57
C TYR A 431 2.77 6.69 5.64
N GLU A 432 2.00 5.94 4.86
CA GLU A 432 1.07 6.52 3.91
C GLU A 432 -0.36 6.12 4.25
N ARG A 433 -0.50 5.32 5.30
CA ARG A 433 -1.82 4.82 5.72
C ARG A 433 -2.11 5.07 7.21
N PRO A 434 -3.35 5.44 7.52
CA PRO A 434 -3.69 5.67 8.93
C PRO A 434 -3.45 4.39 9.73
N GLU A 435 -3.82 3.24 9.16
CA GLU A 435 -3.63 1.97 9.87
C GLU A 435 -2.18 1.60 10.08
N ASP A 436 -1.34 1.98 9.13
CA ASP A 436 0.09 1.68 9.22
C ASP A 436 0.79 2.45 10.33
N VAL A 437 0.54 3.76 10.42
CA VAL A 437 1.16 4.56 11.47
C VAL A 437 0.62 4.10 12.82
N ALA A 438 -0.66 3.71 12.86
CA ALA A 438 -1.27 3.23 14.11
C ALA A 438 -0.60 1.93 14.55
N SER A 439 -0.31 1.05 13.60
CA SER A 439 0.35 -0.20 13.94
C SER A 439 1.72 0.07 14.52
N ALA A 440 2.41 1.04 13.93
CA ALA A 440 3.76 1.39 14.39
C ALA A 440 3.68 1.96 15.79
N ALA A 441 2.71 2.83 16.00
CA ALA A 441 2.48 3.46 17.31
C ALA A 441 2.23 2.38 18.35
N TYR A 442 1.45 1.38 17.95
CA TYR A 442 1.11 0.25 18.82
C TYR A 442 2.35 -0.58 19.14
N ALA A 443 3.17 -0.84 18.13
CA ALA A 443 4.37 -1.64 18.36
C ALA A 443 5.33 -0.97 19.33
N LEU A 444 5.42 0.35 19.27
CA LEU A 444 6.32 1.10 20.16
C LEU A 444 5.87 1.03 21.62
N VAL A 445 4.56 1.16 21.86
CA VAL A 445 4.06 1.10 23.23
C VAL A 445 4.21 -0.31 23.80
N GLU A 446 3.82 -1.32 23.03
CA GLU A 446 3.93 -2.71 23.49
C GLU A 446 5.37 -3.09 23.83
N GLN A 447 6.32 -2.66 23.02
CA GLN A 447 7.70 -3.03 23.34
C GLN A 447 8.20 -2.31 24.60
N ALA A 448 7.67 -1.10 24.81
CA ALA A 448 7.97 -0.38 26.04
C ALA A 448 7.49 -1.20 27.25
N LYS A 449 6.28 -1.79 27.08
CA LYS A 449 5.77 -2.69 28.12
C LYS A 449 6.79 -3.80 28.40
N ASN A 450 7.15 -4.50 27.32
CA ASN A 450 8.07 -5.63 27.45
C ASN A 450 9.33 -5.28 28.24
N VAL A 451 10.05 -4.24 27.77
CA VAL A 451 11.24 -3.84 28.51
C VAL A 451 10.88 -3.25 29.87
N GLY A 452 9.57 -3.14 30.13
CA GLY A 452 9.09 -2.61 31.39
C GLY A 452 9.27 -1.11 31.53
N ILE A 453 8.31 -0.36 30.99
CA ILE A 453 8.34 1.11 31.07
C ILE A 453 6.92 1.64 30.94
N LEU B 2 -27.92 16.15 -13.07
CA LEU B 2 -26.83 17.09 -12.84
C LEU B 2 -25.76 17.03 -13.93
N ASP B 3 -26.15 16.47 -15.10
CA ASP B 3 -25.19 16.26 -16.18
C ASP B 3 -24.50 17.56 -16.62
N TYR B 4 -24.91 18.72 -16.12
CA TYR B 4 -24.27 19.97 -16.51
C TYR B 4 -22.98 20.15 -15.71
N PHE B 5 -22.82 19.34 -14.68
CA PHE B 5 -21.63 19.40 -13.84
C PHE B 5 -20.49 18.58 -14.42
N PHE B 6 -20.83 17.42 -14.98
CA PHE B 6 -19.84 16.51 -15.54
C PHE B 6 -19.73 16.52 -17.06
N ASN B 7 -20.78 17.00 -17.73
CA ASN B 7 -20.80 17.09 -19.18
C ASN B 7 -21.31 18.46 -19.59
N PRO B 8 -20.75 19.52 -18.99
CA PRO B 8 -21.15 20.90 -19.28
C PRO B 8 -20.88 21.34 -20.71
N LYS B 9 -21.76 22.21 -21.23
CA LYS B 9 -21.65 22.73 -22.59
C LYS B 9 -20.62 23.86 -22.60
N GLY B 10 -20.94 24.91 -21.83
CA GLY B 10 -20.06 26.06 -21.71
C GLY B 10 -19.89 26.32 -20.23
N ILE B 11 -18.65 26.43 -19.77
CA ILE B 11 -18.41 26.65 -18.35
C ILE B 11 -17.68 27.95 -18.05
N ALA B 12 -18.05 28.56 -16.93
CA ALA B 12 -17.46 29.82 -16.50
C ALA B 12 -16.68 29.63 -15.21
N VAL B 13 -15.42 30.08 -15.20
CA VAL B 13 -14.57 29.98 -14.03
C VAL B 13 -14.41 31.37 -13.42
N ILE B 14 -15.30 31.70 -12.49
CA ILE B 14 -15.30 33.00 -11.83
C ILE B 14 -14.14 33.19 -10.85
N GLY B 15 -13.12 33.94 -11.27
CA GLY B 15 -11.98 34.19 -10.40
C GLY B 15 -10.67 33.69 -10.99
N ALA B 16 -10.69 33.32 -12.26
CA ALA B 16 -9.49 32.82 -12.92
C ALA B 16 -8.41 33.91 -12.88
N SER B 17 -7.27 33.58 -12.29
CA SER B 17 -6.18 34.56 -12.20
C SER B 17 -4.87 33.97 -12.69
N ASN B 18 -3.97 34.85 -13.11
CA ASN B 18 -2.66 34.44 -13.61
C ASN B 18 -1.64 34.52 -12.47
N ASP B 19 -2.14 34.37 -11.24
CA ASP B 19 -1.30 34.41 -10.06
C ASP B 19 -1.10 32.98 -9.54
N PRO B 20 0.16 32.54 -9.44
CA PRO B 20 0.52 31.20 -8.96
C PRO B 20 0.19 30.93 -7.49
N LYS B 21 -0.35 31.94 -6.81
CA LYS B 21 -0.65 31.79 -5.39
C LYS B 21 -2.14 31.64 -5.11
N LYS B 22 -2.96 32.00 -6.13
CA LYS B 22 -4.41 31.95 -5.92
C LYS B 22 -5.05 30.75 -6.63
N LEU B 23 -5.98 30.10 -5.91
CA LEU B 23 -6.62 28.90 -6.46
C LEU B 23 -7.22 29.16 -7.85
N GLY B 24 -7.67 30.40 -8.04
CA GLY B 24 -8.29 30.75 -9.31
C GLY B 24 -7.41 30.36 -10.50
N TYR B 25 -6.10 30.42 -10.30
CA TYR B 25 -5.13 30.09 -11.34
C TYR B 25 -5.25 28.64 -11.78
N GLU B 26 -4.68 27.74 -10.97
CA GLU B 26 -4.71 26.31 -11.24
C GLU B 26 -6.04 25.80 -11.79
N VAL B 27 -7.12 26.09 -11.09
CA VAL B 27 -8.46 25.66 -11.50
C VAL B 27 -8.68 25.92 -12.99
N PHE B 28 -8.36 27.14 -13.44
CA PHE B 28 -8.53 27.44 -14.86
C PHE B 28 -7.51 26.70 -15.73
N LYS B 29 -6.25 26.68 -15.25
CA LYS B 29 -5.24 25.92 -15.99
C LYS B 29 -5.73 24.51 -16.33
N ASN B 30 -6.31 23.85 -15.32
CA ASN B 30 -6.75 22.46 -15.50
C ASN B 30 -7.92 22.35 -16.48
N LEU B 31 -8.74 23.43 -16.54
CA LEU B 31 -9.85 23.43 -17.48
C LEU B 31 -9.40 23.87 -18.87
N LYS B 32 -8.10 24.21 -18.95
CA LYS B 32 -7.51 24.55 -20.23
C LYS B 32 -7.36 23.30 -21.10
N GLU B 33 -7.92 22.20 -20.60
CA GLU B 33 -7.75 20.91 -21.26
C GLU B 33 -9.09 20.25 -21.58
N TYR B 34 -10.17 20.93 -21.17
CA TYR B 34 -11.50 20.43 -21.45
C TYR B 34 -12.00 20.91 -22.82
N LYS B 35 -11.87 20.01 -23.82
CA LYS B 35 -12.26 20.37 -25.18
C LYS B 35 -13.72 20.00 -25.48
N LYS B 36 -14.29 19.17 -24.59
CA LYS B 36 -15.65 18.71 -24.83
C LYS B 36 -16.66 19.84 -24.65
N GLY B 37 -16.12 21.00 -24.23
CA GLY B 37 -16.98 22.16 -24.02
C GLY B 37 -16.15 23.43 -23.97
N LYS B 38 -16.80 24.58 -24.00
CA LYS B 38 -16.08 25.86 -23.96
C LYS B 38 -15.93 26.37 -22.53
N VAL B 39 -14.74 26.89 -22.23
CA VAL B 39 -14.45 27.42 -20.90
C VAL B 39 -13.99 28.86 -21.00
N TYR B 40 -14.54 29.71 -20.12
CA TYR B 40 -14.18 31.11 -20.11
C TYR B 40 -13.81 31.58 -18.71
N PRO B 41 -12.67 32.26 -18.57
CA PRO B 41 -12.22 32.76 -17.27
C PRO B 41 -12.89 34.10 -16.97
N VAL B 42 -12.98 34.46 -15.70
CA VAL B 42 -13.59 35.71 -15.30
C VAL B 42 -12.74 36.39 -14.24
N ASN B 43 -12.21 37.58 -14.55
CA ASN B 43 -11.38 38.34 -13.62
C ASN B 43 -11.72 39.82 -13.72
N ILE B 44 -12.00 40.43 -12.57
CA ILE B 44 -12.39 41.84 -12.55
C ILE B 44 -11.31 42.79 -13.10
N LYS B 45 -10.04 42.56 -12.70
CA LYS B 45 -9.03 43.52 -13.14
C LYS B 45 -7.99 42.94 -14.11
N GLU B 46 -8.46 42.02 -14.98
CA GLU B 46 -7.56 41.48 -16.00
C GLU B 46 -8.34 41.04 -17.25
N GLU B 47 -7.93 41.62 -18.40
CA GLU B 47 -8.60 41.23 -19.65
C GLU B 47 -7.82 40.15 -20.40
N GLU B 48 -6.84 39.57 -19.68
CA GLU B 48 -6.20 38.36 -20.18
C GLU B 48 -5.67 37.50 -19.05
N VAL B 49 -6.21 36.26 -19.01
CA VAL B 49 -5.91 35.35 -17.90
C VAL B 49 -4.54 34.67 -18.08
N GLN B 50 -4.50 33.70 -19.02
CA GLN B 50 -3.25 32.99 -19.25
C GLN B 50 -3.18 32.42 -20.67
N GLY B 51 -3.32 33.33 -21.65
CA GLY B 51 -3.31 32.91 -23.05
C GLY B 51 -4.70 33.05 -23.68
N VAL B 52 -5.62 33.62 -22.90
CA VAL B 52 -7.00 33.77 -23.36
C VAL B 52 -7.64 35.05 -22.82
N LYS B 53 -8.41 35.72 -23.69
CA LYS B 53 -9.08 36.95 -23.25
C LYS B 53 -10.04 36.66 -22.09
N ALA B 54 -10.05 37.58 -21.12
CA ALA B 54 -10.89 37.39 -19.95
C ALA B 54 -12.09 38.36 -19.93
N TYR B 55 -13.18 37.86 -19.39
CA TYR B 55 -14.42 38.62 -19.30
C TYR B 55 -14.51 39.35 -17.95
N LYS B 56 -15.06 40.57 -17.98
CA LYS B 56 -15.21 41.32 -16.75
C LYS B 56 -16.23 40.67 -15.80
N SER B 57 -17.34 40.18 -16.41
CA SER B 57 -18.36 39.51 -15.63
C SER B 57 -18.85 38.23 -16.34
N VAL B 58 -19.58 37.40 -15.56
CA VAL B 58 -20.13 36.20 -16.16
C VAL B 58 -21.29 36.50 -17.11
N LYS B 59 -21.81 37.73 -17.02
CA LYS B 59 -22.96 38.07 -17.87
C LYS B 59 -22.54 38.72 -19.20
N ASP B 60 -21.23 38.71 -19.48
CA ASP B 60 -20.75 39.35 -20.70
C ASP B 60 -20.33 38.33 -21.77
N ILE B 61 -20.03 37.09 -21.33
CA ILE B 61 -19.59 36.08 -22.29
C ILE B 61 -20.56 35.96 -23.46
N PRO B 62 -20.02 36.17 -24.68
CA PRO B 62 -20.84 36.18 -25.89
C PRO B 62 -21.57 34.84 -26.10
N ASP B 63 -21.06 33.82 -25.37
CA ASP B 63 -21.67 32.49 -25.46
C ASP B 63 -22.43 32.12 -24.17
N GLU B 64 -22.82 30.83 -24.08
CA GLU B 64 -23.71 30.41 -22.99
C GLU B 64 -22.99 29.56 -21.93
N ILE B 65 -23.35 29.85 -20.65
CA ILE B 65 -22.66 29.21 -19.53
C ILE B 65 -23.61 28.43 -18.61
N ASP B 66 -23.56 27.09 -18.69
CA ASP B 66 -24.40 26.28 -17.80
C ASP B 66 -23.66 25.82 -16.54
N LEU B 67 -22.35 26.06 -16.48
CA LEU B 67 -21.53 25.63 -15.35
C LEU B 67 -20.67 26.77 -14.86
N ALA B 68 -20.77 27.07 -13.56
CA ALA B 68 -19.99 28.14 -12.96
C ALA B 68 -19.14 27.63 -11.79
N ILE B 69 -17.86 27.98 -11.81
CA ILE B 69 -16.94 27.59 -10.74
C ILE B 69 -16.56 28.85 -9.95
N ILE B 70 -17.24 29.09 -8.84
CA ILE B 70 -16.95 30.27 -8.04
C ILE B 70 -15.70 30.07 -7.18
N VAL B 71 -14.63 30.76 -7.55
CA VAL B 71 -13.37 30.65 -6.82
C VAL B 71 -12.77 32.02 -6.57
N VAL B 72 -13.61 32.89 -5.99
CA VAL B 72 -13.11 34.19 -5.58
C VAL B 72 -13.28 34.36 -4.07
N PRO B 73 -12.76 35.49 -3.54
CA PRO B 73 -12.92 35.83 -2.14
C PRO B 73 -14.37 35.73 -1.65
N LYS B 74 -14.49 35.38 -0.35
CA LYS B 74 -15.78 35.08 0.27
C LYS B 74 -16.77 36.23 0.12
N ARG B 75 -16.30 37.46 0.37
CA ARG B 75 -17.15 38.65 0.28
C ARG B 75 -17.82 38.87 -1.07
N PHE B 76 -17.27 38.30 -2.13
CA PHE B 76 -17.84 38.48 -3.47
C PHE B 76 -18.72 37.31 -3.89
N VAL B 77 -18.76 36.28 -3.06
CA VAL B 77 -19.54 35.10 -3.39
C VAL B 77 -21.03 35.37 -3.62
N LYS B 78 -21.71 35.96 -2.64
CA LYS B 78 -23.14 36.25 -2.80
C LYS B 78 -23.46 36.91 -4.15
N ASP B 79 -22.85 38.07 -4.40
CA ASP B 79 -23.09 38.78 -5.65
C ASP B 79 -22.82 37.88 -6.84
N THR B 80 -21.61 37.32 -6.88
CA THR B 80 -21.19 36.42 -7.95
C THR B 80 -22.29 35.42 -8.29
N LEU B 81 -22.77 34.71 -7.27
CA LEU B 81 -23.81 33.72 -7.43
C LEU B 81 -25.05 34.32 -8.09
N ILE B 82 -25.43 35.51 -7.66
CA ILE B 82 -26.60 36.19 -8.23
C ILE B 82 -26.39 36.44 -9.73
N GLN B 83 -25.17 36.79 -10.10
CA GLN B 83 -24.84 37.04 -11.50
C GLN B 83 -25.05 35.79 -12.35
N CYS B 84 -24.66 34.64 -11.80
CA CYS B 84 -24.80 33.39 -12.52
C CYS B 84 -26.27 33.06 -12.78
N GLY B 85 -27.08 33.11 -11.73
CA GLY B 85 -28.49 32.83 -11.89
C GLY B 85 -29.09 33.67 -13.00
N GLU B 86 -28.61 34.90 -13.15
CA GLU B 86 -29.14 35.85 -14.12
C GLU B 86 -28.74 35.48 -15.55
N LYS B 87 -27.57 34.82 -15.67
CA LYS B 87 -27.06 34.46 -16.98
C LYS B 87 -27.62 33.12 -17.46
N GLY B 88 -28.38 32.46 -16.55
CA GLY B 88 -28.95 31.17 -16.92
C GLY B 88 -27.98 30.02 -16.66
N VAL B 89 -27.10 30.23 -15.66
CA VAL B 89 -26.21 29.15 -15.25
C VAL B 89 -27.02 28.01 -14.60
N LYS B 90 -26.64 26.78 -14.95
CA LYS B 90 -27.39 25.63 -14.43
C LYS B 90 -26.81 25.11 -13.12
N GLY B 91 -25.47 24.93 -13.11
CA GLY B 91 -24.83 24.39 -11.93
C GLY B 91 -23.63 25.26 -11.48
N VAL B 92 -23.47 25.36 -10.18
CA VAL B 92 -22.38 26.15 -9.62
C VAL B 92 -21.56 25.38 -8.60
N VAL B 93 -20.24 25.39 -8.80
CA VAL B 93 -19.33 24.73 -7.88
C VAL B 93 -18.59 25.82 -7.13
N ILE B 94 -18.94 26.02 -5.86
CA ILE B 94 -18.23 27.01 -5.07
C ILE B 94 -16.99 26.44 -4.37
N ILE B 95 -15.82 26.95 -4.80
CA ILE B 95 -14.57 26.47 -4.22
C ILE B 95 -14.19 27.25 -2.96
N THR B 96 -14.74 28.47 -2.86
CA THR B 96 -14.35 29.35 -1.77
C THR B 96 -14.90 28.88 -0.41
N ALA B 97 -14.02 29.01 0.61
CA ALA B 97 -14.43 28.64 1.96
C ALA B 97 -14.73 29.88 2.80
N GLY B 98 -15.18 29.67 4.03
CA GLY B 98 -15.51 30.77 4.93
C GLY B 98 -16.99 30.83 5.23
N PHE B 99 -17.68 29.69 5.16
CA PHE B 99 -19.12 29.66 5.40
C PHE B 99 -19.56 28.74 6.53
N GLY B 100 -20.40 27.77 6.20
CA GLY B 100 -20.90 26.85 7.20
C GLY B 100 -19.89 26.17 8.10
N GLU B 101 -18.67 25.98 7.62
CA GLU B 101 -17.64 25.32 8.42
C GLU B 101 -17.09 26.25 9.50
N THR B 102 -17.47 27.53 9.45
CA THR B 102 -16.95 28.47 10.44
C THR B 102 -17.92 28.78 11.59
N GLY B 103 -19.16 28.32 11.48
CA GLY B 103 -20.12 28.57 12.54
C GLY B 103 -21.46 29.09 12.06
N GLU B 104 -22.38 29.31 13.00
CA GLU B 104 -23.72 29.79 12.67
C GLU B 104 -23.73 30.99 11.73
N GLU B 105 -22.86 31.95 11.95
CA GLU B 105 -22.80 33.12 11.08
C GLU B 105 -22.54 32.62 9.67
N GLY B 106 -21.51 31.78 9.56
CA GLY B 106 -21.16 31.21 8.27
C GLY B 106 -22.27 30.35 7.71
N LYS B 107 -22.96 29.61 8.58
CA LYS B 107 -24.04 28.75 8.14
C LYS B 107 -25.20 29.58 7.59
N ARG B 108 -25.51 30.68 8.26
CA ARG B 108 -26.60 31.54 7.81
C ARG B 108 -26.28 32.06 6.41
N GLU B 109 -25.08 32.58 6.20
CA GLU B 109 -24.71 33.08 4.88
C GLU B 109 -24.83 31.92 3.93
N GLU B 110 -24.39 30.76 4.39
CA GLU B 110 -24.44 29.55 3.58
C GLU B 110 -25.89 29.28 3.17
N LYS B 111 -26.79 29.27 4.15
CA LYS B 111 -28.20 29.02 3.87
C LYS B 111 -28.74 30.06 2.90
N GLU B 112 -28.24 31.28 3.01
CA GLU B 112 -28.70 32.33 2.13
C GLU B 112 -28.22 32.05 0.70
N LEU B 113 -27.07 31.41 0.57
CA LEU B 113 -26.54 31.09 -0.76
C LEU B 113 -27.43 30.07 -1.46
N VAL B 114 -27.88 29.07 -0.71
CA VAL B 114 -28.73 28.04 -1.29
C VAL B 114 -30.04 28.68 -1.76
N GLU B 115 -30.68 29.39 -0.83
CA GLU B 115 -31.93 30.07 -1.12
C GLU B 115 -31.87 30.90 -2.40
N ILE B 116 -30.73 31.49 -2.67
CA ILE B 116 -30.58 32.29 -3.88
C ILE B 116 -30.52 31.37 -5.08
N ALA B 117 -29.79 30.27 -4.94
CA ALA B 117 -29.66 29.30 -6.02
C ALA B 117 -31.03 28.73 -6.40
N HIS B 118 -31.80 28.31 -5.40
CA HIS B 118 -33.11 27.75 -5.65
C HIS B 118 -34.02 28.65 -6.50
N LYS B 119 -33.91 29.96 -6.31
CA LYS B 119 -34.73 30.90 -7.08
C LYS B 119 -34.44 30.85 -8.57
N TYR B 120 -33.19 30.56 -8.91
CA TYR B 120 -32.80 30.46 -10.31
C TYR B 120 -32.75 29.00 -10.73
N GLY B 121 -33.29 28.13 -9.89
CA GLY B 121 -33.29 26.70 -10.18
C GLY B 121 -31.88 26.11 -10.18
N ARG B 123 -28.18 24.71 -8.94
CA ARG B 123 -27.77 23.74 -7.93
C ARG B 123 -26.32 24.04 -7.60
N ILE B 124 -25.99 24.01 -6.31
CA ILE B 124 -24.63 24.29 -5.87
C ILE B 124 -23.93 23.05 -5.35
N ILE B 125 -22.66 22.91 -5.71
CA ILE B 125 -21.64 22.00 -5.18
C ILE B 125 -20.65 22.76 -4.28
N GLY B 126 -20.28 22.11 -3.15
CA GLY B 126 -19.59 22.84 -2.10
C GLY B 126 -20.61 23.40 -1.09
N PRO B 127 -20.31 24.58 -0.53
CA PRO B 127 -19.07 25.28 -0.78
C PRO B 127 -17.91 24.73 0.08
N ASN B 128 -16.79 25.46 0.05
CA ASN B 128 -15.61 25.00 0.78
C ASN B 128 -15.18 23.59 0.35
N CYS B 129 -14.96 23.43 -0.94
CA CYS B 129 -14.66 22.12 -1.51
C CYS B 129 -13.55 22.24 -2.56
N VAL B 130 -13.09 21.08 -3.03
CA VAL B 130 -12.03 21.02 -4.02
C VAL B 130 -12.55 21.00 -5.45
N GLY B 131 -13.85 20.81 -5.61
CA GLY B 131 -14.43 20.81 -6.94
C GLY B 131 -14.88 19.46 -7.46
N ILE B 132 -14.93 19.33 -8.78
CA ILE B 132 -15.35 18.10 -9.43
C ILE B 132 -14.47 17.72 -10.61
N ASN B 134 -14.15 14.72 -14.09
CA ASN B 134 -14.82 13.82 -15.00
C ASN B 134 -13.75 13.44 -16.01
N THR B 135 -12.90 12.49 -15.62
CA THR B 135 -11.78 12.03 -16.44
C THR B 135 -12.18 11.61 -17.86
N HIS B 136 -13.39 11.09 -18.00
CA HIS B 136 -13.90 10.64 -19.29
C HIS B 136 -13.70 11.67 -20.42
N VAL B 137 -13.91 12.95 -20.12
CA VAL B 137 -13.77 13.99 -21.14
C VAL B 137 -12.71 15.04 -20.81
N ASP B 138 -11.76 14.67 -19.95
CA ASP B 138 -10.67 15.56 -19.54
C ASP B 138 -11.19 16.74 -18.73
N LEU B 139 -12.36 16.56 -18.11
CA LEU B 139 -12.96 17.61 -17.30
C LEU B 139 -12.42 17.60 -15.87
N ASN B 140 -11.67 18.64 -15.51
CA ASN B 140 -11.09 18.73 -14.17
C ASN B 140 -11.33 20.08 -13.50
N ALA B 141 -12.56 20.29 -13.03
CA ALA B 141 -12.92 21.54 -12.35
C ALA B 141 -12.38 21.47 -10.92
N THR B 142 -11.05 21.51 -10.81
CA THR B 142 -10.39 21.43 -9.53
C THR B 142 -9.07 22.19 -9.58
N PHE B 143 -8.43 22.36 -8.42
CA PHE B 143 -7.15 23.05 -8.38
C PHE B 143 -6.01 22.08 -8.10
N ILE B 144 -6.29 20.78 -8.17
CA ILE B 144 -5.28 19.75 -7.95
C ILE B 144 -4.99 19.01 -9.26
N THR B 145 -4.03 18.08 -9.21
CA THR B 145 -3.71 17.32 -10.41
C THR B 145 -4.84 16.33 -10.71
N VAL B 146 -5.15 16.19 -12.00
CA VAL B 146 -6.22 15.30 -12.44
C VAL B 146 -5.90 13.84 -12.13
N ALA B 147 -6.94 13.05 -11.91
CA ALA B 147 -6.75 11.65 -11.63
C ALA B 147 -6.72 10.88 -12.95
N LYS B 148 -6.08 9.71 -12.91
CA LYS B 148 -6.06 8.91 -14.12
C LYS B 148 -7.48 8.46 -14.50
N LYS B 149 -7.62 8.01 -15.77
CA LYS B 149 -8.94 7.53 -16.19
C LYS B 149 -9.40 6.35 -15.33
N GLY B 150 -10.72 6.13 -15.29
CA GLY B 150 -11.22 5.03 -14.46
C GLY B 150 -12.76 4.91 -14.47
N ASN B 151 -13.24 3.84 -13.81
CA ASN B 151 -14.67 3.56 -13.80
C ASN B 151 -15.26 3.65 -12.38
N VAL B 152 -14.49 4.22 -11.44
CA VAL B 152 -15.04 4.41 -10.10
C VAL B 152 -15.38 5.88 -9.82
N ALA B 153 -16.61 6.13 -9.36
CA ALA B 153 -17.07 7.48 -9.06
C ALA B 153 -16.86 7.68 -7.57
N PHE B 154 -15.93 8.58 -7.23
CA PHE B 154 -15.59 8.85 -5.83
C PHE B 154 -16.15 10.17 -5.31
N ILE B 155 -16.81 10.11 -4.15
CA ILE B 155 -17.37 11.26 -3.45
C ILE B 155 -17.01 11.25 -1.97
N SER B 156 -16.46 12.39 -1.51
CA SER B 156 -16.07 12.48 -0.11
C SER B 156 -16.30 13.88 0.46
N GLN B 157 -16.60 13.92 1.77
CA GLN B 157 -16.82 15.21 2.42
C GLN B 157 -15.51 15.85 2.85
N SER B 158 -14.43 15.05 2.76
CA SER B 158 -13.12 15.56 3.16
C SER B 158 -12.26 15.93 1.94
N GLY B 159 -12.16 17.25 1.71
CA GLY B 159 -11.38 17.72 0.56
C GLY B 159 -9.91 17.33 0.68
N ALA B 160 -9.32 17.51 1.85
CA ALA B 160 -7.91 17.19 2.06
C ALA B 160 -7.65 15.72 1.75
N LEU B 161 -8.48 14.86 2.35
CA LEU B 161 -8.33 13.43 2.12
C LEU B 161 -8.68 13.15 0.66
N GLY B 162 -9.57 13.95 0.10
CA GLY B 162 -9.96 13.77 -1.29
C GLY B 162 -8.78 13.92 -2.25
N ALA B 163 -7.88 14.85 -1.95
CA ALA B 163 -6.71 15.06 -2.81
C ALA B 163 -5.66 13.99 -2.51
N GLY B 164 -5.51 13.64 -1.24
CA GLY B 164 -4.54 12.64 -0.85
C GLY B 164 -4.81 11.32 -1.54
N ILE B 165 -6.09 11.00 -1.69
CA ILE B 165 -6.50 9.75 -2.33
C ILE B 165 -6.30 9.82 -3.84
N VAL B 166 -6.52 10.97 -4.44
CA VAL B 166 -6.31 11.10 -5.87
C VAL B 166 -4.81 10.91 -6.09
N TYR B 167 -4.00 11.50 -5.21
CA TYR B 167 -2.55 11.38 -5.29
C TYR B 167 -2.13 9.93 -5.11
N LYS B 168 -2.86 9.23 -4.25
CA LYS B 168 -2.61 7.84 -3.96
C LYS B 168 -2.89 7.01 -5.20
N THR B 169 -4.14 7.04 -5.66
CA THR B 169 -4.59 6.30 -6.83
C THR B 169 -3.71 6.50 -8.05
N ILE B 170 -3.30 7.74 -8.31
CA ILE B 170 -2.47 8.02 -9.46
C ILE B 170 -1.24 7.12 -9.42
N LYS B 171 -0.43 7.25 -8.38
CA LYS B 171 0.75 6.42 -8.25
C LYS B 171 0.42 4.93 -8.21
N GLU B 172 -0.79 4.59 -7.78
CA GLU B 172 -1.19 3.19 -7.72
C GLU B 172 -1.85 2.70 -9.01
N ASP B 173 -1.63 3.45 -10.08
CA ASP B 173 -2.20 3.11 -11.38
C ASP B 173 -3.65 2.63 -11.31
N ILE B 174 -4.50 3.51 -10.80
CA ILE B 174 -5.94 3.24 -10.71
C ILE B 174 -6.62 4.61 -10.63
N GLY B 175 -7.67 4.79 -11.43
CA GLY B 175 -8.33 6.07 -11.44
C GLY B 175 -9.79 6.13 -11.07
N PHE B 176 -10.41 7.23 -11.45
CA PHE B 176 -11.82 7.46 -11.16
C PHE B 176 -12.50 7.95 -12.41
N SER B 177 -13.79 7.66 -12.55
CA SER B 177 -14.53 8.12 -13.70
C SER B 177 -14.81 9.60 -13.44
N LYS B 178 -15.35 9.88 -12.25
CA LYS B 178 -15.66 11.23 -11.84
C LYS B 178 -15.25 11.47 -10.38
N PHE B 179 -14.73 12.66 -10.09
CA PHE B 179 -14.33 13.00 -8.73
C PHE B 179 -15.27 14.09 -8.22
N ILE B 180 -15.65 14.01 -6.95
CA ILE B 180 -16.54 15.01 -6.39
C ILE B 180 -16.21 15.40 -4.95
N SER B 181 -15.80 16.65 -4.76
CA SER B 181 -15.51 17.19 -3.45
C SER B 181 -16.72 18.03 -3.10
N VAL B 182 -17.56 17.55 -2.18
CA VAL B 182 -18.78 18.28 -1.82
C VAL B 182 -18.60 19.36 -0.77
N GLY B 183 -17.45 19.36 -0.11
CA GLY B 183 -17.19 20.35 0.92
C GLY B 183 -18.26 20.34 2.00
N ASN B 184 -18.83 21.51 2.28
CA ASN B 184 -19.84 21.63 3.32
C ASN B 184 -21.16 20.96 2.91
N ALA B 186 -23.80 21.95 1.07
CA ALA B 186 -24.91 22.85 1.36
C ALA B 186 -26.12 22.60 0.49
N ASP B 187 -25.89 22.10 -0.71
CA ASP B 187 -26.98 21.84 -1.63
C ASP B 187 -26.95 20.42 -2.14
N VAL B 188 -26.33 20.20 -3.30
CA VAL B 188 -26.24 18.86 -3.88
C VAL B 188 -25.55 17.92 -2.89
N ASP B 189 -26.30 16.97 -2.34
CA ASP B 189 -25.80 16.00 -1.38
C ASP B 189 -25.50 14.62 -1.99
N PHE B 190 -25.16 13.67 -1.12
CA PHE B 190 -24.85 12.31 -1.56
C PHE B 190 -26.01 11.70 -2.36
N ALA B 191 -27.20 11.75 -1.77
CA ALA B 191 -28.40 11.21 -2.38
C ALA B 191 -28.58 11.57 -3.84
N GLU B 192 -28.75 12.85 -4.11
CA GLU B 192 -28.94 13.33 -5.47
C GLU B 192 -27.81 12.90 -6.39
N LEU B 193 -26.58 12.87 -5.86
CA LEU B 193 -25.45 12.47 -6.68
C LEU B 193 -25.54 10.99 -6.99
N GLU B 195 -28.23 9.11 -7.29
CA GLU B 195 -29.23 8.83 -8.32
C GLU B 195 -28.75 9.19 -9.70
N TYR B 196 -28.00 10.29 -9.80
CA TYR B 196 -27.49 10.69 -11.11
C TYR B 196 -26.54 9.62 -11.66
N LEU B 197 -25.58 9.21 -10.85
CA LEU B 197 -24.58 8.22 -11.23
C LEU B 197 -25.17 6.91 -11.74
N ALA B 198 -26.14 6.38 -10.99
CA ALA B 198 -26.80 5.12 -11.33
C ALA B 198 -27.03 4.83 -12.81
N ASP B 199 -27.65 5.77 -13.52
CA ASP B 199 -27.96 5.54 -14.93
C ASP B 199 -26.78 5.86 -15.86
N THR B 200 -25.70 6.43 -15.30
CA THR B 200 -24.53 6.71 -16.13
C THR B 200 -23.83 5.43 -16.57
N GLU B 201 -23.08 5.54 -17.68
CA GLU B 201 -22.36 4.36 -18.18
C GLU B 201 -20.96 4.21 -17.55
N GLU B 202 -20.20 5.32 -17.56
CA GLU B 202 -18.80 5.26 -17.16
C GLU B 202 -18.62 5.05 -15.65
N ASP B 203 -19.70 5.03 -14.88
CA ASP B 203 -19.58 4.87 -13.44
C ASP B 203 -19.95 3.48 -12.96
N LYS B 204 -19.01 2.54 -13.11
CA LYS B 204 -19.22 1.15 -12.72
C LYS B 204 -19.48 0.94 -11.23
N ALA B 205 -19.09 1.91 -10.40
CA ALA B 205 -19.31 1.79 -8.96
C ALA B 205 -19.19 3.15 -8.26
N ILE B 206 -19.58 3.19 -6.99
CA ILE B 206 -19.52 4.42 -6.22
C ILE B 206 -18.83 4.23 -4.87
N ALA B 207 -17.72 4.96 -4.69
CA ALA B 207 -16.95 4.91 -3.45
C ALA B 207 -17.24 6.19 -2.68
N LEU B 208 -17.53 6.08 -1.40
CA LEU B 208 -17.82 7.28 -0.63
C LEU B 208 -17.06 7.39 0.69
N TYR B 209 -16.61 8.61 1.00
CA TYR B 209 -15.96 8.86 2.27
C TYR B 209 -16.95 9.78 2.97
N ILE B 210 -17.60 9.26 4.00
CA ILE B 210 -18.61 10.03 4.72
C ILE B 210 -18.23 10.39 6.14
N GLU B 211 -18.52 11.62 6.52
CA GLU B 211 -18.25 12.10 7.86
C GLU B 211 -19.59 12.24 8.58
N GLY B 212 -20.62 12.52 7.79
CA GLY B 212 -21.96 12.69 8.32
C GLY B 212 -22.92 13.10 7.22
N VAL B 213 -23.95 12.29 7.00
CA VAL B 213 -24.92 12.59 5.96
C VAL B 213 -26.01 13.51 6.54
N ARG B 214 -26.75 14.17 5.67
CA ARG B 214 -27.80 15.07 6.13
C ARG B 214 -29.10 14.30 6.38
N ASN B 215 -29.61 13.63 5.35
CA ASN B 215 -30.84 12.87 5.49
C ASN B 215 -30.55 11.38 5.73
N GLY B 216 -30.29 11.04 7.00
CA GLY B 216 -29.97 9.66 7.32
C GLY B 216 -30.99 8.69 6.71
N LYS B 217 -32.21 9.22 6.51
CA LYS B 217 -33.28 8.40 5.97
C LYS B 217 -33.25 8.37 4.44
N LYS B 218 -33.53 9.54 3.84
CA LYS B 218 -33.55 9.64 2.37
C LYS B 218 -32.33 8.96 1.73
N PHE B 219 -31.19 9.01 2.42
CA PHE B 219 -29.95 8.42 1.91
C PHE B 219 -30.08 6.93 1.60
N GLU B 221 -32.80 5.15 1.36
CA GLU B 221 -33.86 4.98 0.39
C GLU B 221 -33.25 5.01 -1.00
N VAL B 222 -32.41 6.01 -1.23
CA VAL B 222 -31.73 6.19 -2.49
C VAL B 222 -30.64 5.13 -2.71
N ALA B 223 -30.06 4.65 -1.62
CA ALA B 223 -29.00 3.64 -1.72
C ALA B 223 -29.56 2.25 -2.02
N LYS B 224 -30.62 1.87 -1.32
CA LYS B 224 -31.26 0.57 -1.51
C LYS B 224 -31.70 0.38 -2.96
N ARG B 225 -32.09 1.48 -3.61
CA ARG B 225 -32.54 1.42 -5.00
C ARG B 225 -31.40 1.49 -6.00
N VAL B 226 -30.33 2.19 -5.63
CA VAL B 226 -29.19 2.33 -6.54
C VAL B 226 -28.30 1.10 -6.57
N THR B 227 -28.22 0.39 -5.45
CA THR B 227 -27.39 -0.80 -5.38
C THR B 227 -27.79 -1.87 -6.39
N LYS B 228 -29.05 -1.81 -6.84
CA LYS B 228 -29.54 -2.79 -7.81
C LYS B 228 -28.90 -2.61 -9.19
N LYS B 229 -28.43 -1.40 -9.48
CA LYS B 229 -27.80 -1.13 -10.78
C LYS B 229 -26.27 -1.09 -10.70
N LYS B 230 -25.76 -0.51 -9.62
CA LYS B 230 -24.32 -0.40 -9.41
C LYS B 230 -24.00 -0.22 -7.92
N PRO B 231 -23.00 -0.96 -7.40
CA PRO B 231 -22.54 -0.98 -6.02
C PRO B 231 -22.06 0.34 -5.40
N ILE B 232 -22.19 0.44 -4.09
CA ILE B 232 -21.76 1.62 -3.36
C ILE B 232 -20.90 1.19 -2.17
N ILE B 233 -19.64 1.62 -2.20
CA ILE B 233 -18.69 1.30 -1.13
C ILE B 233 -18.53 2.56 -0.29
N ALA B 234 -18.81 2.43 1.01
CA ALA B 234 -18.71 3.57 1.90
C ALA B 234 -17.70 3.41 3.03
N LEU B 235 -16.94 4.46 3.27
CA LEU B 235 -15.95 4.49 4.36
C LEU B 235 -16.47 5.52 5.35
N LYS B 236 -16.68 5.09 6.59
CA LYS B 236 -17.19 5.99 7.62
C LYS B 236 -16.15 6.28 8.70
N ALA B 237 -15.77 7.54 8.81
CA ALA B 237 -14.78 7.95 9.80
C ALA B 237 -15.48 8.35 11.09
N GLY B 238 -14.73 8.36 12.20
CA GLY B 238 -15.31 8.73 13.48
C GLY B 238 -15.90 7.58 14.27
N LYS B 239 -15.67 7.58 15.58
CA LYS B 239 -16.18 6.54 16.46
C LYS B 239 -15.83 6.83 17.93
N LYS B 259 -22.26 1.74 14.46
CA LYS B 259 -22.98 0.54 14.03
C LYS B 259 -24.35 0.85 13.41
N ILE B 260 -24.91 1.98 13.82
CA ILE B 260 -26.20 2.41 13.30
C ILE B 260 -26.02 2.68 11.81
N TYR B 261 -24.88 3.25 11.45
CA TYR B 261 -24.57 3.53 10.05
C TYR B 261 -24.31 2.20 9.35
N GLU B 262 -23.45 1.38 9.97
CA GLU B 262 -23.08 0.08 9.42
C GLU B 262 -24.29 -0.75 9.02
N ALA B 263 -24.98 -1.31 10.02
CA ALA B 263 -26.17 -2.14 9.77
C ALA B 263 -27.11 -1.48 8.77
N ALA B 264 -27.30 -0.18 8.93
CA ALA B 264 -28.17 0.56 8.02
C ALA B 264 -27.60 0.48 6.61
N PHE B 265 -26.30 0.70 6.49
CA PHE B 265 -25.62 0.63 5.20
C PHE B 265 -25.84 -0.74 4.58
N LYS B 266 -25.71 -1.77 5.41
CA LYS B 266 -25.86 -3.16 4.98
C LYS B 266 -27.21 -3.38 4.29
N GLN B 267 -28.28 -3.06 5.00
CA GLN B 267 -29.65 -3.24 4.50
C GLN B 267 -29.90 -2.50 3.21
N SER B 268 -29.14 -1.44 2.97
CA SER B 268 -29.32 -0.66 1.75
C SER B 268 -28.49 -1.28 0.63
N GLY B 269 -27.61 -2.21 1.00
CA GLY B 269 -26.80 -2.87 0.01
C GLY B 269 -25.51 -2.16 -0.36
N VAL B 270 -25.06 -1.26 0.51
CA VAL B 270 -23.81 -0.54 0.25
C VAL B 270 -22.66 -1.29 0.92
N LEU B 271 -21.58 -1.50 0.20
CA LEU B 271 -20.45 -2.22 0.77
C LEU B 271 -19.74 -1.34 1.77
N VAL B 272 -19.37 -1.91 2.91
CA VAL B 272 -18.70 -1.14 3.94
C VAL B 272 -17.19 -1.39 3.94
N ALA B 273 -16.42 -0.31 3.96
CA ALA B 273 -14.96 -0.39 3.98
C ALA B 273 -14.44 0.24 5.27
N ASN B 274 -13.40 -0.35 5.84
CA ASN B 274 -12.83 0.17 7.07
C ASN B 274 -11.56 0.99 6.88
N THR B 275 -10.94 0.89 5.71
CA THR B 275 -9.73 1.64 5.40
C THR B 275 -9.81 2.22 4.00
N ILE B 276 -8.95 3.18 3.68
CA ILE B 276 -8.96 3.77 2.35
C ILE B 276 -8.71 2.70 1.29
N ASP B 277 -7.76 1.81 1.56
CA ASP B 277 -7.46 0.74 0.61
C ASP B 277 -8.61 -0.26 0.41
N GLU B 278 -9.45 -0.45 1.43
CA GLU B 278 -10.57 -1.38 1.26
C GLU B 278 -11.59 -0.74 0.34
N LEU B 280 -11.14 1.49 -1.95
CA LEU B 280 -10.61 1.50 -3.30
C LEU B 280 -10.56 0.12 -3.94
N SER B 281 -10.07 -0.86 -3.18
CA SER B 281 -9.98 -2.20 -3.70
C SER B 281 -11.35 -2.71 -4.11
N ALA B 283 -14.08 -1.19 -4.74
CA ALA B 283 -14.66 -0.42 -5.84
C ALA B 283 -14.09 -0.68 -7.23
N ARG B 284 -12.79 -0.98 -7.30
CA ARG B 284 -12.06 -1.31 -8.53
C ARG B 284 -12.52 -2.63 -9.16
N ALA B 285 -13.01 -3.54 -8.29
CA ALA B 285 -13.28 -4.91 -8.72
C ALA B 285 -14.44 -5.01 -9.72
N PHE B 286 -15.28 -3.97 -9.74
CA PHE B 286 -16.46 -4.04 -10.60
C PHE B 286 -16.11 -3.79 -12.07
N SER B 287 -14.81 -3.80 -12.37
CA SER B 287 -14.38 -3.77 -13.75
C SER B 287 -14.57 -5.14 -14.40
N GLN B 288 -14.78 -6.14 -13.51
CA GLN B 288 -15.07 -7.48 -13.98
C GLN B 288 -16.56 -7.80 -13.86
N PRO B 289 -16.98 -8.88 -14.51
CA PRO B 289 -18.38 -9.30 -14.49
C PRO B 289 -18.70 -9.88 -13.12
N LEU B 290 -19.99 -9.81 -12.74
CA LEU B 290 -20.44 -10.32 -11.46
C LEU B 290 -20.42 -11.86 -11.45
N PRO B 291 -20.17 -12.47 -10.27
CA PRO B 291 -20.12 -13.92 -10.06
C PRO B 291 -21.44 -14.52 -9.57
N ARG B 292 -21.59 -15.83 -9.75
CA ARG B 292 -22.79 -16.51 -9.30
C ARG B 292 -22.61 -17.07 -7.89
N GLY B 293 -21.54 -17.84 -7.69
CA GLY B 293 -21.28 -18.40 -6.38
C GLY B 293 -20.00 -17.85 -5.79
N ASN B 294 -19.74 -18.19 -4.54
CA ASN B 294 -18.54 -17.71 -3.86
C ASN B 294 -17.41 -18.74 -3.85
N LYS B 295 -17.53 -19.75 -4.71
CA LYS B 295 -16.49 -20.78 -4.79
C LYS B 295 -15.35 -20.21 -5.62
N VAL B 296 -14.27 -19.83 -4.97
CA VAL B 296 -13.12 -19.24 -5.66
C VAL B 296 -12.01 -20.24 -5.94
N ALA B 297 -11.30 -20.01 -7.05
CA ALA B 297 -10.19 -20.84 -7.47
C ALA B 297 -8.93 -19.97 -7.42
N ILE B 298 -7.92 -20.40 -6.66
CA ILE B 298 -6.68 -19.65 -6.54
C ILE B 298 -5.57 -20.29 -7.37
N THR B 300 -1.48 -19.70 -8.26
CA THR B 300 -0.31 -18.95 -7.84
C THR B 300 1.00 -19.65 -8.17
N ASN B 301 2.05 -18.86 -8.32
CA ASN B 301 3.37 -19.42 -8.58
C ASN B 301 4.13 -19.39 -7.26
N ALA B 302 3.42 -19.11 -6.16
CA ALA B 302 4.04 -19.01 -4.85
C ALA B 302 3.12 -19.39 -3.68
N GLY B 303 3.53 -20.38 -2.90
CA GLY B 303 2.74 -20.83 -1.77
C GLY B 303 2.40 -19.78 -0.74
N GLY B 304 3.43 -19.14 -0.17
CA GLY B 304 3.19 -18.11 0.82
C GLY B 304 2.09 -17.15 0.41
N PRO B 305 2.24 -16.47 -0.73
CA PRO B 305 1.19 -15.55 -1.18
C PRO B 305 -0.20 -16.19 -1.25
N GLY B 306 -0.25 -17.46 -1.63
CA GLY B 306 -1.52 -18.16 -1.71
C GLY B 306 -2.12 -18.38 -0.33
N VAL B 307 -1.28 -18.77 0.61
CA VAL B 307 -1.72 -19.02 1.98
C VAL B 307 -2.35 -17.77 2.59
N LEU B 308 -1.64 -16.65 2.52
CA LEU B 308 -2.14 -15.39 3.07
C LEU B 308 -3.48 -15.02 2.45
N THR B 309 -3.57 -15.16 1.13
CA THR B 309 -4.81 -14.81 0.44
C THR B 309 -5.98 -15.70 0.90
N ALA B 310 -5.84 -17.01 0.74
CA ALA B 310 -6.90 -17.94 1.16
C ALA B 310 -7.35 -17.56 2.57
N ASP B 311 -6.38 -17.26 3.41
CA ASP B 311 -6.65 -16.89 4.79
C ASP B 311 -7.50 -15.63 4.83
N GLU B 312 -7.19 -14.67 3.95
CA GLU B 312 -7.93 -13.43 3.88
C GLU B 312 -9.34 -13.68 3.35
N LEU B 313 -9.44 -14.49 2.30
CA LEU B 313 -10.73 -14.82 1.71
C LEU B 313 -11.60 -15.51 2.75
N ASP B 314 -10.97 -16.30 3.62
CA ASP B 314 -11.68 -17.02 4.67
C ASP B 314 -12.17 -16.09 5.79
N LYS B 315 -11.63 -14.87 5.82
CA LYS B 315 -12.06 -13.90 6.83
C LYS B 315 -13.22 -13.13 6.20
N ARG B 316 -13.31 -13.20 4.88
CA ARG B 316 -14.38 -12.52 4.15
C ARG B 316 -15.57 -13.44 3.94
N GLY B 317 -15.46 -14.67 4.41
CA GLY B 317 -16.57 -15.60 4.27
C GLY B 317 -16.65 -16.34 2.93
N LEU B 318 -15.71 -16.12 2.04
CA LEU B 318 -15.73 -16.82 0.76
C LEU B 318 -15.21 -18.23 0.98
N LYS B 319 -15.17 -19.03 -0.07
CA LYS B 319 -14.68 -20.41 0.02
C LYS B 319 -13.99 -20.85 -1.26
N LEU B 320 -13.20 -21.92 -1.16
CA LEU B 320 -12.47 -22.45 -2.30
C LEU B 320 -13.29 -23.49 -3.08
N ALA B 321 -13.31 -23.33 -4.40
CA ALA B 321 -14.04 -24.24 -5.27
C ALA B 321 -13.36 -25.60 -5.35
N THR B 322 -14.15 -26.66 -5.44
CA THR B 322 -13.62 -28.02 -5.55
C THR B 322 -13.56 -28.37 -7.02
N LEU B 323 -12.35 -28.51 -7.54
CA LEU B 323 -12.16 -28.78 -8.96
C LEU B 323 -12.68 -30.13 -9.44
N GLU B 324 -12.81 -30.22 -10.76
CA GLU B 324 -13.29 -31.41 -11.46
C GLU B 324 -12.11 -32.37 -11.61
N GLU B 325 -12.35 -33.66 -11.38
CA GLU B 325 -11.29 -34.66 -11.51
C GLU B 325 -10.53 -34.44 -12.80
N LYS B 326 -11.27 -34.29 -13.89
CA LYS B 326 -10.67 -34.07 -15.21
C LYS B 326 -9.75 -32.84 -15.14
N THR B 327 -10.16 -31.86 -14.35
CA THR B 327 -9.39 -30.63 -14.17
C THR B 327 -8.11 -30.97 -13.41
N ILE B 328 -8.29 -31.56 -12.23
CA ILE B 328 -7.17 -31.96 -11.38
C ILE B 328 -6.15 -32.84 -12.10
N GLU B 329 -6.62 -33.66 -13.04
CA GLU B 329 -5.72 -34.55 -13.76
C GLU B 329 -5.01 -33.83 -14.91
N GLU B 330 -5.65 -32.82 -15.47
CA GLU B 330 -5.03 -32.08 -16.55
C GLU B 330 -3.82 -31.30 -16.02
N LEU B 331 -4.04 -30.47 -15.00
CA LEU B 331 -2.97 -29.69 -14.40
C LEU B 331 -1.80 -30.59 -14.02
N ARG B 332 -2.12 -31.77 -13.50
CA ARG B 332 -1.11 -32.74 -13.08
C ARG B 332 -0.14 -33.14 -14.21
N SER B 333 -0.62 -33.20 -15.45
CA SER B 333 0.22 -33.61 -16.55
C SER B 333 1.28 -32.64 -17.06
N PHE B 334 1.09 -31.34 -16.86
CA PHE B 334 2.11 -30.39 -17.35
C PHE B 334 2.79 -29.56 -16.26
N LEU B 335 2.29 -29.64 -15.03
CA LEU B 335 2.95 -28.93 -13.95
C LEU B 335 3.97 -29.81 -13.23
N PRO B 336 4.94 -29.15 -12.60
CA PRO B 336 5.93 -29.84 -11.77
C PRO B 336 5.29 -30.79 -10.77
N PRO B 337 5.94 -31.95 -10.56
CA PRO B 337 5.39 -33.00 -9.72
C PRO B 337 5.00 -32.49 -8.33
N ALA B 339 3.94 -29.62 -7.62
CA ALA B 339 2.95 -28.56 -7.68
C ALA B 339 1.62 -28.97 -7.03
N ALA B 340 1.01 -28.01 -6.32
CA ALA B 340 -0.30 -28.25 -5.72
C ALA B 340 -1.43 -28.00 -6.72
N VAL B 341 -2.12 -29.10 -7.08
CA VAL B 341 -3.19 -28.98 -8.06
C VAL B 341 -4.55 -29.37 -7.48
N LYS B 342 -4.75 -29.04 -6.19
CA LYS B 342 -6.03 -29.36 -5.55
C LYS B 342 -6.89 -28.12 -5.36
N ASN B 343 -7.19 -27.81 -4.07
CA ASN B 343 -8.06 -26.67 -3.80
C ASN B 343 -7.49 -25.37 -4.39
N PRO B 344 -6.35 -24.92 -3.82
CA PRO B 344 -5.55 -23.87 -4.41
C PRO B 344 -4.46 -24.46 -5.31
N VAL B 345 -4.38 -23.94 -6.55
CA VAL B 345 -3.44 -24.50 -7.52
C VAL B 345 -2.07 -23.82 -7.43
N ASP B 346 -1.14 -24.52 -6.77
CA ASP B 346 0.19 -23.95 -6.61
C ASP B 346 1.13 -24.37 -7.73
N ILE B 348 4.65 -24.19 -9.39
CA ILE B 348 5.97 -23.90 -8.86
C ILE B 348 6.50 -22.55 -9.39
N ALA B 349 7.51 -22.04 -8.69
CA ALA B 349 8.05 -20.74 -9.06
C ALA B 349 8.50 -20.73 -10.52
N SER B 350 8.56 -21.94 -11.11
CA SER B 350 9.05 -22.06 -12.48
C SER B 350 7.94 -21.87 -13.50
N ALA B 351 6.70 -21.68 -12.99
CA ALA B 351 5.57 -21.50 -13.89
C ALA B 351 5.82 -20.39 -14.90
N ARG B 352 5.65 -20.71 -16.18
CA ARG B 352 5.87 -19.73 -17.24
C ARG B 352 4.55 -19.19 -17.79
N GLY B 353 4.64 -18.31 -18.77
CA GLY B 353 3.45 -17.75 -19.38
C GLY B 353 2.48 -18.85 -19.77
N GLU B 354 2.99 -19.83 -20.52
CA GLU B 354 2.17 -20.96 -20.97
C GLU B 354 1.49 -21.65 -19.79
N ASP B 355 2.20 -21.77 -18.68
CA ASP B 355 1.64 -22.40 -17.48
C ASP B 355 0.50 -21.57 -16.89
N TYR B 356 0.61 -20.25 -16.94
CA TYR B 356 -0.45 -19.40 -16.41
C TYR B 356 -1.66 -19.47 -17.35
N TYR B 357 -1.39 -19.50 -18.65
CA TYR B 357 -2.42 -19.56 -19.67
C TYR B 357 -3.29 -20.81 -19.57
N ARG B 358 -2.65 -21.98 -19.50
CA ARG B 358 -3.40 -23.24 -19.40
C ARG B 358 -4.16 -23.32 -18.08
N THR B 359 -3.45 -23.09 -16.99
CA THR B 359 -4.06 -23.16 -15.66
C THR B 359 -5.27 -22.23 -15.54
N ALA B 360 -5.15 -21.02 -16.06
CA ALA B 360 -6.25 -20.07 -16.03
C ALA B 360 -7.40 -20.63 -16.86
N LYS B 361 -7.09 -21.07 -18.08
CA LYS B 361 -8.09 -21.64 -18.97
C LYS B 361 -8.81 -22.83 -18.33
N LEU B 362 -8.04 -23.76 -17.79
CA LEU B 362 -8.61 -24.94 -17.15
C LEU B 362 -9.48 -24.61 -15.93
N LEU B 363 -9.06 -23.65 -15.13
CA LEU B 363 -9.84 -23.26 -13.95
C LEU B 363 -11.05 -22.41 -14.33
N LEU B 364 -10.91 -21.63 -15.40
CA LEU B 364 -12.02 -20.80 -15.88
C LEU B 364 -13.13 -21.66 -16.48
N GLN B 365 -12.78 -22.88 -16.89
CA GLN B 365 -13.73 -23.81 -17.50
C GLN B 365 -14.39 -24.74 -16.49
N ASP B 366 -13.73 -24.97 -15.35
CA ASP B 366 -14.28 -25.84 -14.33
C ASP B 366 -15.62 -25.29 -13.84
N PRO B 367 -16.71 -26.06 -14.05
CA PRO B 367 -18.06 -25.64 -13.63
C PRO B 367 -18.21 -25.39 -12.12
N ASN B 368 -17.25 -25.85 -11.33
CA ASN B 368 -17.31 -25.69 -9.89
C ASN B 368 -16.60 -24.40 -9.46
N VAL B 369 -16.03 -23.71 -10.43
CA VAL B 369 -15.31 -22.46 -10.16
C VAL B 369 -16.12 -21.24 -10.60
N ASP B 370 -16.34 -20.33 -9.66
CA ASP B 370 -17.09 -19.11 -9.92
C ASP B 370 -16.16 -17.93 -10.11
N LEU B 372 -11.88 -16.66 -10.29
CA LEU B 372 -10.46 -16.98 -10.39
C LEU B 372 -9.58 -15.84 -9.88
N ILE B 373 -8.67 -16.17 -8.97
CA ILE B 373 -7.74 -15.19 -8.43
C ILE B 373 -6.36 -15.68 -8.83
N ALA B 374 -5.73 -14.93 -9.72
CA ALA B 374 -4.40 -15.25 -10.24
C ALA B 374 -3.30 -14.54 -9.44
N ILE B 375 -2.53 -15.31 -8.69
CA ILE B 375 -1.46 -14.79 -7.84
C ILE B 375 -0.10 -15.08 -8.46
N CYS B 376 0.74 -14.03 -8.57
CA CYS B 376 2.03 -14.23 -9.19
C CYS B 376 3.08 -13.33 -8.58
N VAL B 377 4.09 -13.97 -8.00
CA VAL B 377 5.32 -13.26 -7.75
C VAL B 377 6.16 -13.22 -9.03
N VAL B 378 6.29 -12.00 -9.58
CA VAL B 378 7.00 -11.88 -10.85
C VAL B 378 8.46 -12.30 -10.71
N PRO B 379 8.81 -13.40 -11.41
CA PRO B 379 10.16 -13.91 -11.36
C PRO B 379 11.10 -13.08 -12.25
N THR B 380 12.38 -13.06 -11.84
CA THR B 380 13.37 -12.37 -12.64
C THR B 380 14.57 -13.27 -12.94
N PHE B 381 14.23 -14.51 -13.26
CA PHE B 381 15.23 -15.53 -13.47
C PHE B 381 14.71 -16.60 -14.41
N ALA B 382 15.61 -17.44 -14.90
CA ALA B 382 15.26 -18.51 -15.81
C ALA B 382 14.74 -18.06 -17.18
N GLY B 383 15.07 -16.83 -17.58
CA GLY B 383 14.63 -16.33 -18.87
C GLY B 383 13.19 -15.81 -18.99
N THR B 385 9.99 -13.38 -18.72
CA THR B 385 9.82 -11.94 -18.83
C THR B 385 8.96 -11.43 -17.68
N LEU B 386 8.89 -10.10 -17.54
CA LEU B 386 8.12 -9.47 -16.48
C LEU B 386 6.61 -9.47 -16.73
N THR B 387 6.20 -9.67 -17.98
CA THR B 387 4.78 -9.64 -18.36
C THR B 387 4.22 -10.98 -18.81
N GLU B 388 5.10 -11.94 -19.01
CA GLU B 388 4.74 -13.27 -19.48
C GLU B 388 3.52 -13.88 -18.77
N HIS B 389 3.56 -13.90 -17.45
CA HIS B 389 2.49 -14.50 -16.65
C HIS B 389 1.17 -13.74 -16.79
N ALA B 390 1.23 -12.41 -16.81
CA ALA B 390 0.03 -11.59 -16.97
C ALA B 390 -0.58 -11.93 -18.33
N GLU B 391 0.27 -11.88 -19.36
CA GLU B 391 -0.14 -12.18 -20.73
C GLU B 391 -0.83 -13.53 -20.80
N GLY B 392 -0.29 -14.50 -20.09
CA GLY B 392 -0.90 -15.84 -20.09
C GLY B 392 -2.33 -15.72 -19.65
N ILE B 393 -2.54 -15.03 -18.53
CA ILE B 393 -3.86 -14.83 -17.94
C ILE B 393 -4.79 -14.11 -18.93
N ILE B 394 -4.34 -12.96 -19.42
CA ILE B 394 -5.13 -12.17 -20.36
C ILE B 394 -5.56 -12.99 -21.58
N ARG B 395 -4.61 -13.66 -22.22
CA ARG B 395 -4.93 -14.51 -23.35
C ARG B 395 -5.98 -15.57 -22.99
N ALA B 396 -5.79 -16.20 -21.82
CA ALA B 396 -6.73 -17.22 -21.38
C ALA B 396 -8.13 -16.66 -21.21
N VAL B 397 -8.20 -15.48 -20.57
CA VAL B 397 -9.50 -14.83 -20.38
C VAL B 397 -10.20 -14.56 -21.71
N LYS B 398 -9.37 -14.21 -22.72
CA LYS B 398 -9.94 -13.89 -24.03
C LYS B 398 -10.50 -15.14 -24.71
N GLU B 399 -9.75 -16.25 -24.60
CA GLU B 399 -10.13 -17.45 -25.31
C GLU B 399 -11.40 -18.12 -24.76
N VAL B 400 -11.36 -18.51 -23.48
CA VAL B 400 -12.57 -19.03 -22.88
C VAL B 400 -13.75 -18.10 -23.16
N ASN B 401 -13.47 -16.79 -23.00
CA ASN B 401 -14.48 -15.79 -23.29
C ASN B 401 -15.86 -16.14 -22.74
N ASN B 402 -15.87 -16.42 -21.43
CA ASN B 402 -17.15 -16.50 -20.74
C ASN B 402 -17.40 -15.22 -19.94
N GLU B 403 -18.13 -15.36 -18.82
CA GLU B 403 -18.37 -14.19 -17.99
C GLU B 403 -18.12 -14.47 -16.51
N LYS B 404 -16.87 -14.79 -16.19
CA LYS B 404 -16.50 -15.09 -14.82
C LYS B 404 -15.49 -14.05 -14.39
N PRO B 405 -15.63 -13.55 -13.15
CA PRO B 405 -14.73 -12.54 -12.59
C PRO B 405 -13.31 -13.04 -12.34
N VAL B 406 -12.33 -12.37 -12.93
CA VAL B 406 -10.93 -12.73 -12.74
C VAL B 406 -10.22 -11.59 -12.02
N LEU B 407 -9.62 -11.89 -10.86
CA LEU B 407 -8.89 -10.88 -10.08
C LEU B 407 -7.44 -11.28 -9.99
N ALA B 408 -6.55 -10.30 -10.06
CA ALA B 408 -5.12 -10.57 -10.02
C ALA B 408 -4.38 -9.93 -8.85
N PHE B 410 -0.35 -9.47 -8.40
CA PHE B 410 1.07 -9.58 -8.73
C PHE B 410 1.97 -8.80 -7.76
N ALA B 412 5.92 -7.79 -7.43
CA ALA B 412 5.64 -6.68 -6.54
C ALA B 412 6.55 -5.49 -6.87
N GLY B 413 6.26 -4.33 -6.24
CA GLY B 413 7.10 -3.15 -6.43
C GLY B 413 7.20 -2.78 -7.92
N TYR B 414 8.41 -2.34 -8.33
CA TYR B 414 8.60 -2.00 -9.73
C TYR B 414 8.58 -3.25 -10.60
N VAL B 415 8.95 -4.39 -9.98
CA VAL B 415 9.03 -5.61 -10.75
C VAL B 415 7.69 -6.00 -11.39
N SER B 416 6.58 -5.74 -10.66
CA SER B 416 5.29 -6.21 -11.17
C SER B 416 4.52 -5.10 -11.89
N GLU B 417 4.98 -3.85 -11.84
CA GLU B 417 4.26 -2.76 -12.50
C GLU B 417 3.88 -2.98 -13.97
N LYS B 418 4.82 -3.43 -14.79
CA LYS B 418 4.50 -3.68 -16.19
C LYS B 418 3.41 -4.74 -16.30
N ALA B 419 3.44 -5.72 -15.41
CA ALA B 419 2.42 -6.76 -15.41
C ALA B 419 1.08 -6.13 -15.04
N LYS B 420 1.09 -5.35 -13.96
CA LYS B 420 -0.13 -4.69 -13.50
C LYS B 420 -0.71 -3.78 -14.58
N GLU B 421 0.14 -2.92 -15.14
CA GLU B 421 -0.30 -2.01 -16.18
C GLU B 421 -0.94 -2.76 -17.34
N LEU B 422 -0.39 -3.91 -17.70
CA LEU B 422 -0.94 -4.70 -18.80
C LEU B 422 -2.27 -5.30 -18.35
N LEU B 423 -2.33 -5.81 -17.13
CA LEU B 423 -3.57 -6.39 -16.63
C LEU B 423 -4.67 -5.34 -16.54
N GLU B 424 -4.39 -4.23 -15.84
CA GLU B 424 -5.37 -3.15 -15.71
C GLU B 424 -5.88 -2.69 -17.07
N LYS B 425 -4.97 -2.58 -18.04
CA LYS B 425 -5.34 -2.14 -19.38
C LYS B 425 -6.30 -3.13 -20.04
N ASN B 426 -6.22 -4.39 -19.63
CA ASN B 426 -7.11 -5.40 -20.17
C ASN B 426 -8.25 -5.72 -19.21
N GLY B 427 -8.66 -4.69 -18.47
CA GLY B 427 -9.78 -4.83 -17.54
C GLY B 427 -9.65 -5.72 -16.33
N ILE B 428 -8.45 -6.23 -16.05
CA ILE B 428 -8.30 -7.09 -14.88
C ILE B 428 -7.71 -6.34 -13.69
N PRO B 429 -8.50 -6.18 -12.61
CA PRO B 429 -8.09 -5.48 -11.40
C PRO B 429 -6.98 -6.28 -10.73
N THR B 430 -5.79 -5.70 -10.64
CA THR B 430 -4.69 -6.41 -10.02
C THR B 430 -4.24 -5.68 -8.76
N TYR B 431 -4.07 -6.44 -7.69
CA TYR B 431 -3.65 -5.88 -6.41
C TYR B 431 -2.26 -6.35 -6.00
N GLU B 432 -1.74 -5.77 -4.94
CA GLU B 432 -0.40 -6.08 -4.44
C GLU B 432 -0.45 -6.63 -3.01
N ARG B 433 -1.64 -6.66 -2.44
CA ARG B 433 -1.80 -7.14 -1.07
C ARG B 433 -2.87 -8.21 -0.95
N PRO B 434 -2.57 -9.29 -0.19
CA PRO B 434 -3.53 -10.37 0.01
C PRO B 434 -4.87 -9.82 0.48
N GLU B 435 -4.85 -9.04 1.56
CA GLU B 435 -6.07 -8.47 2.11
C GLU B 435 -6.87 -7.67 1.09
N ASP B 436 -6.18 -7.11 0.10
CA ASP B 436 -6.85 -6.30 -0.93
C ASP B 436 -7.65 -7.07 -1.98
N VAL B 437 -7.03 -8.08 -2.59
CA VAL B 437 -7.71 -8.88 -3.59
C VAL B 437 -8.92 -9.57 -2.93
N ALA B 438 -8.74 -9.96 -1.67
CA ALA B 438 -9.80 -10.62 -0.93
C ALA B 438 -10.99 -9.66 -0.81
N SER B 439 -10.72 -8.41 -0.44
CA SER B 439 -11.77 -7.41 -0.29
C SER B 439 -12.54 -7.27 -1.59
N ALA B 440 -11.83 -7.19 -2.70
CA ALA B 440 -12.47 -7.06 -4.00
C ALA B 440 -13.37 -8.27 -4.24
N ALA B 441 -12.82 -9.47 -4.03
CA ALA B 441 -13.56 -10.71 -4.19
C ALA B 441 -14.85 -10.64 -3.37
N TYR B 442 -14.70 -10.31 -2.09
CA TYR B 442 -15.82 -10.17 -1.17
C TYR B 442 -16.86 -9.22 -1.75
N ALA B 443 -16.40 -8.04 -2.14
CA ALA B 443 -17.27 -7.01 -2.69
C ALA B 443 -18.01 -7.50 -3.95
N LEU B 444 -17.37 -8.37 -4.72
CA LEU B 444 -17.98 -8.89 -5.94
C LEU B 444 -19.13 -9.86 -5.66
N VAL B 445 -18.92 -10.79 -4.73
CA VAL B 445 -19.94 -11.77 -4.37
C VAL B 445 -21.13 -11.07 -3.70
N GLU B 446 -20.83 -10.12 -2.81
CA GLU B 446 -21.87 -9.36 -2.12
C GLU B 446 -22.75 -8.61 -3.12
N GLN B 447 -22.11 -7.85 -4.02
CA GLN B 447 -22.88 -7.12 -4.99
C GLN B 447 -23.75 -8.05 -5.83
N ALA B 448 -23.13 -9.11 -6.35
CA ALA B 448 -23.85 -10.09 -7.17
C ALA B 448 -25.22 -10.45 -6.59
N LYS B 449 -25.22 -10.73 -5.27
CA LYS B 449 -26.46 -11.24 -4.68
C LYS B 449 -27.38 -10.10 -4.26
N ASN B 450 -26.91 -8.87 -4.51
CA ASN B 450 -27.78 -7.71 -4.38
C ASN B 450 -28.57 -7.51 -5.67
N VAL B 451 -28.15 -8.26 -6.71
CA VAL B 451 -28.79 -8.20 -8.01
C VAL B 451 -29.60 -9.46 -8.29
N GLY B 452 -29.25 -10.55 -7.56
CA GLY B 452 -30.03 -11.77 -7.68
C GLY B 452 -29.16 -13.03 -7.66
N ILE B 453 -28.20 -13.08 -8.60
CA ILE B 453 -27.41 -14.29 -8.77
C ILE B 453 -26.29 -14.40 -7.74
#